data_6V3H
#
_entry.id   6V3H
#
_cell.length_a   1.00
_cell.length_b   1.00
_cell.length_c   1.00
_cell.angle_alpha   90.00
_cell.angle_beta   90.00
_cell.angle_gamma   90.00
#
_symmetry.space_group_name_H-M   'P 1'
#
loop_
_entity.id
_entity.type
_entity.pdbx_description
1 polymer 'NPC1-like intracellular cholesterol transporter 1'
2 branched 2-acetamido-2-deoxy-beta-D-glucopyranose-(1-4)-2-acetamido-2-deoxy-beta-D-glucopyranose
3 non-polymer 2-acetamido-2-deoxy-beta-D-glucopyranose
4 non-polymer 'CHOLESTEROL HEMISUCCINATE'
5 non-polymer '4-[(2S,3R)-3-[(3S)-3-(4-fluorophenyl)-3-hydroxypropyl]-1-(4-{3-[(methylsulfonyl)amino]prop-1-yn-1-yl}phenyl)-4-oxoazetidin-2-yl]phenyl beta-D-glucopyranosiduronic acid'
#
_entity_poly.entity_id   1
_entity_poly.type   'polypeptide(L)'
_entity_poly.pdbx_seq_one_letter_code
;ELYTPKHEAGVCTFYEECGKNPELSGGLTSLSNVSCLSNTPARHVTGEHLALLQRICPRLYNGPNTTFACCSTKQLLSLE
SSMSITKALLTRCPACSDNFVSLHCHNTCSPDQSLFINVTRVVERGAGEPPAVVAYEAFYQRSFAEKAYESCSQVRIPAA
ASLAVGSMCGVYGSALCNAQRWLNFQGDTGNGLAPLDITFHLLEPGQALPDGIQPLNGKIAPCNESQGDDSAVCSCQDCA
ASCPVIPPPEALRPSFYMGRMPGWLALIIIFTAVFVLLSAVLVRLRVVSNRNKNKAEGPQEAPKLPHKHKLSPHTILGRF
FQNWGTRVASWPLTVLALSFIVVIALAAGLTFIELTTDPVELWSAPKSQARKEKSFHDEHFGPFFRTNQIFVTARNRSSY
KYDSLLLGSKNFSGILSLDFLLELLELQERLRHLQVWSPEAERNISLQDICYAPLNPYNTSLSDCCVNSLLQYFQNNRTL
LMLTANQTLNGQTSLVDWKDHFLYCANAPLTFKDGTSLALSCMADYGAPVFPFLAVGGYQGTDYSEAEALIITFSLNNYP
ADDPRMAQAKLWEEAFLKEMESFQRNTSDKFQVAFSAERSLEDEINRTTIQDLPVFAVSYIIVFLYISLALGSYSRCSRV
AVESKATLGLGGVIVVLGAVLAAMGFYSYLGVPSSLVIIQVVPFLVLAVGADNIFIFVLEYQRLPRMPGEQREAHIGRTL
GSVAPSMLLCSLSEAICFFLGALTPMPAVRTFALTSGLAIILDFLLQMTAFVALLSLDSKRQEASRPDVLCCFSTRKLPP
PKEKEGLLLRFFRKIYAPFLLHRFIRPVVMLLFLTLFGANLYLMCNINVGLDQELALPKDSYLIDYFLFLNRYLEVGPPV
YFVTTSGFNFSSEAGMNATCSSAGCKSFSLTQKIQYASEFPDQSYVAIAASSWVDDFIDWLTPSSSCCRLYIRGPHKDEF
CPSTDTSFNCLKNCMNRTLGPVRPTAEQFHKYLPWFLNDPPNIRCPKGGLAAYRTSVNLSSDGQVIASQFMAYHKPLRNS
QDFTEALRASRLLAANITADLRKVPGTDPNFEVFPYTISNVFYQQYLTVLPEGIFTLALCFVPTFVVCYLLLGLDMCSGI
LNLLSIIMILVDTIGLMAVWGISYNAVSLINLVTAVGMSVEFVSHITRSFAVSTKPTRLERAKDATVFMGSAVFAGVAMT
NFPGILILGFAQAQLIQIFFFRLNLLITLLGLLHGLVFLPVVLSYLGPDVNQALVQEEKLASEAAVAPEPSCPQYPSPAD
ADANVNYGFAPELAHGANAARSSLPKSDQKFENLYFQGDYKDDDDKHHHHHHHHHH
;
_entity_poly.pdbx_strand_id   A
#
# COMPACT_ATOMS: atom_id res chain seq x y z
N LEU A 2 -35.92 -16.89 -53.67
CA LEU A 2 -35.49 -16.80 -52.29
C LEU A 2 -34.35 -17.77 -52.01
N TYR A 3 -33.86 -18.41 -53.06
CA TYR A 3 -32.80 -19.40 -52.91
C TYR A 3 -31.96 -19.41 -54.17
N THR A 4 -30.91 -20.25 -54.16
CA THR A 4 -29.99 -20.40 -55.27
C THR A 4 -30.22 -21.75 -55.91
N PRO A 5 -30.93 -21.82 -57.05
CA PRO A 5 -31.23 -23.13 -57.66
C PRO A 5 -30.01 -23.87 -58.17
N LYS A 6 -28.93 -23.19 -58.53
CA LYS A 6 -27.76 -23.88 -59.07
C LYS A 6 -26.51 -23.18 -58.58
N HIS A 7 -25.52 -23.98 -58.23
CA HIS A 7 -24.29 -23.47 -57.63
C HIS A 7 -23.09 -24.33 -58.00
N GLU A 8 -22.90 -24.61 -59.28
CA GLU A 8 -21.87 -25.56 -59.70
C GLU A 8 -20.45 -25.01 -59.50
N ALA A 9 -20.14 -23.85 -60.10
CA ALA A 9 -18.87 -23.14 -60.01
C ALA A 9 -18.99 -21.86 -60.82
N GLY A 10 -18.14 -20.89 -60.49
CA GLY A 10 -17.97 -19.72 -61.34
C GLY A 10 -19.10 -18.71 -61.27
N VAL A 11 -20.10 -18.96 -60.43
CA VAL A 11 -21.28 -18.12 -60.35
C VAL A 11 -21.41 -17.63 -58.91
N CYS A 12 -22.14 -16.54 -58.73
CA CYS A 12 -22.34 -15.94 -57.43
C CYS A 12 -23.82 -15.73 -57.17
N THR A 13 -24.14 -15.54 -55.88
CA THR A 13 -25.53 -15.52 -55.45
C THR A 13 -26.12 -14.11 -55.43
N PHE A 14 -25.30 -13.08 -55.34
CA PHE A 14 -25.80 -11.72 -55.42
C PHE A 14 -24.69 -10.82 -55.97
N TYR A 15 -25.10 -9.76 -56.67
CA TYR A 15 -24.13 -8.81 -57.20
C TYR A 15 -24.40 -7.39 -56.75
N GLU A 16 -25.48 -6.74 -57.21
CA GLU A 16 -25.63 -5.34 -56.88
C GLU A 16 -26.18 -5.13 -55.49
N GLU A 17 -25.78 -4.01 -54.89
CA GLU A 17 -26.22 -3.62 -53.56
C GLU A 17 -27.56 -2.88 -53.69
N CYS A 18 -28.60 -3.40 -53.03
CA CYS A 18 -29.90 -2.72 -53.01
C CYS A 18 -29.90 -1.67 -51.90
N GLY A 19 -31.09 -1.17 -51.55
CA GLY A 19 -31.23 -0.24 -50.44
C GLY A 19 -31.14 -0.90 -49.08
N LYS A 20 -31.66 -0.19 -48.09
CA LYS A 20 -31.60 -0.60 -46.69
C LYS A 20 -32.34 -1.90 -46.42
N ASN A 21 -31.93 -2.55 -45.32
CA ASN A 21 -32.52 -3.77 -44.79
C ASN A 21 -33.79 -3.39 -44.02
N PRO A 22 -34.96 -3.83 -44.50
CA PRO A 22 -36.22 -3.48 -43.81
C PRO A 22 -36.38 -4.03 -42.41
N GLU A 23 -35.62 -5.06 -42.02
CA GLU A 23 -35.95 -5.79 -40.80
C GLU A 23 -35.34 -5.21 -39.54
N LEU A 24 -34.06 -4.84 -39.56
CA LEU A 24 -33.40 -4.36 -38.36
C LEU A 24 -33.92 -2.99 -37.90
N SER A 25 -33.94 -2.01 -38.81
CA SER A 25 -34.33 -0.60 -38.67
C SER A 25 -33.45 0.25 -37.74
N GLY A 26 -32.91 -0.34 -36.67
CA GLY A 26 -32.02 0.37 -35.78
C GLY A 26 -30.55 0.06 -36.05
N GLY A 27 -29.70 0.74 -35.31
CA GLY A 27 -28.29 0.39 -35.30
C GLY A 27 -27.50 1.31 -34.40
N LEU A 28 -26.21 0.96 -34.24
CA LEU A 28 -25.28 1.77 -33.48
C LEU A 28 -24.62 2.85 -34.33
N THR A 29 -24.23 2.48 -35.54
CA THR A 29 -23.53 3.33 -36.49
C THR A 29 -24.21 3.20 -37.84
N SER A 30 -23.66 3.86 -38.86
CA SER A 30 -24.12 3.64 -40.21
C SER A 30 -23.87 2.20 -40.62
N LEU A 31 -24.87 1.57 -41.22
CA LEU A 31 -24.81 0.17 -41.55
C LEU A 31 -24.50 -0.02 -43.04
N SER A 32 -24.62 -1.25 -43.50
CA SER A 32 -24.34 -1.59 -44.89
C SER A 32 -25.61 -2.10 -45.57
N ASN A 33 -25.93 -1.48 -46.70
CA ASN A 33 -27.09 -1.86 -47.51
C ASN A 33 -26.98 -3.31 -47.97
N VAL A 34 -28.13 -3.95 -48.12
CA VAL A 34 -28.22 -5.36 -48.44
C VAL A 34 -28.22 -5.59 -49.95
N SER A 35 -27.45 -6.56 -50.39
CA SER A 35 -27.35 -6.94 -51.80
C SER A 35 -28.64 -7.58 -52.33
N CYS A 36 -28.93 -7.33 -53.61
CA CYS A 36 -29.99 -8.02 -54.35
C CYS A 36 -29.55 -9.33 -54.98
N LEU A 37 -30.38 -10.36 -54.79
CA LEU A 37 -30.14 -11.71 -55.26
C LEU A 37 -30.05 -11.80 -56.78
N SER A 38 -29.01 -12.49 -57.26
CA SER A 38 -28.84 -12.73 -58.69
C SER A 38 -27.88 -13.90 -58.87
N ASN A 39 -28.40 -15.03 -59.34
CA ASN A 39 -27.56 -16.20 -59.62
C ASN A 39 -27.08 -16.05 -61.06
N THR A 40 -25.81 -15.70 -61.23
CA THR A 40 -25.29 -15.25 -62.52
C THR A 40 -23.78 -15.50 -62.53
N PRO A 41 -23.20 -15.79 -63.70
CA PRO A 41 -21.73 -15.89 -63.80
C PRO A 41 -21.00 -14.63 -63.35
N ALA A 42 -19.80 -14.84 -62.82
CA ALA A 42 -18.95 -13.77 -62.30
C ALA A 42 -18.62 -12.71 -63.33
N ARG A 43 -18.33 -11.51 -62.85
CA ARG A 43 -18.05 -10.36 -63.71
C ARG A 43 -16.56 -10.23 -63.96
N HIS A 44 -16.22 -9.64 -65.10
CA HIS A 44 -14.83 -9.38 -65.46
C HIS A 44 -14.41 -8.02 -64.89
N VAL A 45 -13.59 -8.05 -63.85
CA VAL A 45 -13.21 -6.85 -63.10
C VAL A 45 -11.96 -6.24 -63.71
N THR A 46 -12.07 -4.98 -64.16
CA THR A 46 -10.96 -4.26 -64.79
C THR A 46 -10.84 -2.87 -64.19
N GLY A 47 -9.72 -2.22 -64.54
CA GLY A 47 -9.48 -0.81 -64.24
C GLY A 47 -9.49 -0.42 -62.77
N GLU A 48 -10.19 0.69 -62.49
CA GLU A 48 -10.27 1.21 -61.13
C GLU A 48 -10.98 0.22 -60.20
N HIS A 49 -11.94 -0.54 -60.74
CA HIS A 49 -12.59 -1.61 -59.99
C HIS A 49 -11.56 -2.65 -59.55
N LEU A 50 -10.63 -2.99 -60.45
CA LEU A 50 -9.53 -3.89 -60.08
C LEU A 50 -8.62 -3.26 -59.03
N ALA A 51 -8.33 -1.97 -59.15
CA ALA A 51 -7.51 -1.29 -58.14
C ALA A 51 -8.18 -1.30 -56.77
N LEU A 52 -9.50 -1.06 -56.75
CA LEU A 52 -10.28 -1.11 -55.52
C LEU A 52 -10.29 -2.51 -54.92
N LEU A 53 -10.47 -3.54 -55.76
CA LEU A 53 -10.42 -4.92 -55.30
C LEU A 53 -9.07 -5.27 -54.71
N GLN A 54 -8.00 -4.88 -55.41
CA GLN A 54 -6.63 -5.14 -54.95
C GLN A 54 -6.34 -4.45 -53.62
N ARG A 55 -6.92 -3.26 -53.39
CA ARG A 55 -6.67 -2.59 -52.12
C ARG A 55 -7.52 -3.16 -50.99
N ILE A 56 -8.83 -3.32 -51.21
CA ILE A 56 -9.74 -3.73 -50.14
C ILE A 56 -9.54 -5.19 -49.74
N CYS A 57 -9.33 -6.07 -50.72
CA CYS A 57 -9.22 -7.51 -50.48
C CYS A 57 -8.00 -8.03 -51.24
N PRO A 58 -6.81 -7.94 -50.64
CA PRO A 58 -5.58 -8.38 -51.34
C PRO A 58 -5.54 -9.85 -51.71
N ARG A 59 -6.41 -10.69 -51.15
CA ARG A 59 -6.36 -12.13 -51.43
C ARG A 59 -7.49 -12.53 -52.37
N LEU A 60 -7.76 -11.67 -53.36
CA LEU A 60 -8.66 -11.97 -54.44
C LEU A 60 -8.08 -11.55 -55.78
N TYR A 61 -6.98 -10.79 -55.77
CA TYR A 61 -6.33 -10.39 -57.00
C TYR A 61 -5.61 -11.60 -57.58
N ASN A 62 -5.99 -11.99 -58.78
CA ASN A 62 -5.52 -13.22 -59.41
C ASN A 62 -5.03 -12.84 -60.80
N GLY A 63 -3.81 -12.34 -60.88
CA GLY A 63 -3.23 -12.00 -62.16
C GLY A 63 -3.54 -10.56 -62.52
N PRO A 64 -2.86 -10.03 -63.53
CA PRO A 64 -3.19 -8.67 -63.95
C PRO A 64 -4.50 -8.58 -64.73
N ASN A 65 -4.77 -9.49 -65.66
CA ASN A 65 -5.90 -9.33 -66.56
C ASN A 65 -7.09 -10.24 -66.31
N THR A 66 -7.09 -11.08 -65.27
CA THR A 66 -8.30 -11.88 -65.09
C THR A 66 -9.15 -11.32 -63.94
N THR A 67 -8.89 -11.78 -62.72
CA THR A 67 -9.50 -11.32 -61.47
C THR A 67 -11.03 -11.23 -61.53
N PHE A 68 -11.67 -12.37 -61.78
CA PHE A 68 -13.11 -12.38 -61.75
C PHE A 68 -13.61 -12.22 -60.31
N ALA A 69 -14.67 -11.43 -60.14
CA ALA A 69 -15.22 -11.18 -58.81
C ALA A 69 -16.68 -10.78 -58.97
N CYS A 70 -17.39 -10.82 -57.85
CA CYS A 70 -18.82 -10.56 -57.84
C CYS A 70 -19.25 -9.43 -56.92
N CYS A 71 -18.59 -8.29 -56.97
CA CYS A 71 -19.07 -7.16 -56.19
C CYS A 71 -18.77 -5.86 -56.91
N SER A 72 -19.69 -4.91 -56.75
CA SER A 72 -19.57 -3.60 -57.37
C SER A 72 -18.66 -2.70 -56.54
N THR A 73 -18.40 -1.51 -57.06
CA THR A 73 -17.61 -0.53 -56.31
C THR A 73 -18.34 -0.08 -55.06
N LYS A 74 -19.68 -0.04 -55.10
CA LYS A 74 -20.47 0.35 -53.93
C LYS A 74 -20.29 -0.62 -52.78
N GLN A 75 -20.33 -1.94 -53.04
CA GLN A 75 -20.11 -2.91 -51.98
C GLN A 75 -18.69 -2.85 -51.43
N LEU A 76 -17.69 -2.61 -52.29
CA LEU A 76 -16.33 -2.48 -51.81
C LEU A 76 -16.19 -1.28 -50.88
N LEU A 77 -16.81 -0.14 -51.24
CA LEU A 77 -16.74 1.03 -50.38
C LEU A 77 -17.51 0.81 -49.07
N SER A 78 -18.67 0.15 -49.15
CA SER A 78 -19.46 -0.14 -47.96
C SER A 78 -18.73 -1.11 -47.03
N LEU A 79 -18.08 -2.12 -47.60
CA LEU A 79 -17.28 -3.06 -46.82
C LEU A 79 -16.11 -2.36 -46.14
N GLU A 80 -15.43 -1.47 -46.88
CA GLU A 80 -14.32 -0.69 -46.33
C GLU A 80 -14.78 0.19 -45.17
N SER A 81 -15.96 0.79 -45.31
CA SER A 81 -16.52 1.60 -44.22
C SER A 81 -16.89 0.73 -43.02
N SER A 82 -17.56 -0.40 -43.28
CA SER A 82 -18.06 -1.27 -42.22
C SER A 82 -16.96 -1.85 -41.35
N MET A 83 -15.87 -2.31 -41.95
CA MET A 83 -14.85 -2.99 -41.15
C MET A 83 -13.88 -2.04 -40.44
N SER A 84 -14.10 -0.72 -40.47
CA SER A 84 -13.12 0.21 -39.91
C SER A 84 -12.94 0.04 -38.40
N ILE A 85 -13.99 -0.35 -37.67
CA ILE A 85 -13.87 -0.49 -36.21
C ILE A 85 -13.04 -1.71 -35.87
N THR A 86 -13.39 -2.85 -36.47
CA THR A 86 -12.69 -4.09 -36.20
C THR A 86 -11.24 -4.02 -36.67
N LYS A 87 -11.00 -3.39 -37.83
CA LYS A 87 -9.62 -3.16 -38.27
C LYS A 87 -8.86 -2.27 -37.30
N ALA A 88 -9.52 -1.23 -36.74
CA ALA A 88 -8.90 -0.38 -35.73
C ALA A 88 -8.52 -1.17 -34.48
N LEU A 89 -9.27 -2.21 -34.15
CA LEU A 89 -8.88 -3.00 -32.98
C LEU A 89 -7.83 -4.06 -33.31
N LEU A 90 -7.92 -4.71 -34.46
CA LEU A 90 -7.09 -5.86 -34.79
C LEU A 90 -5.81 -5.54 -35.57
N THR A 91 -5.61 -4.30 -36.03
CA THR A 91 -4.41 -3.95 -36.80
C THR A 91 -3.09 -4.17 -36.06
N ARG A 92 -3.12 -4.33 -34.72
CA ARG A 92 -1.91 -4.62 -33.94
C ARG A 92 -1.19 -5.86 -34.44
N CYS A 93 -1.92 -6.88 -34.89
CA CYS A 93 -1.35 -8.11 -35.43
C CYS A 93 -1.88 -8.25 -36.84
N PRO A 94 -1.13 -7.82 -37.87
CA PRO A 94 -1.59 -7.84 -39.26
C PRO A 94 -2.10 -9.17 -39.79
N ALA A 95 -1.52 -10.29 -39.35
CA ALA A 95 -2.03 -11.61 -39.73
C ALA A 95 -3.49 -11.77 -39.34
N CYS A 96 -3.84 -11.35 -38.12
CA CYS A 96 -5.22 -11.43 -37.65
C CYS A 96 -6.15 -10.53 -38.46
N SER A 97 -5.72 -9.29 -38.69
CA SER A 97 -6.51 -8.33 -39.46
C SER A 97 -6.77 -8.86 -40.87
N ASP A 98 -5.73 -9.39 -41.51
CA ASP A 98 -5.87 -9.95 -42.85
C ASP A 98 -6.76 -11.16 -42.87
N ASN A 99 -6.71 -12.01 -41.85
CA ASN A 99 -7.59 -13.19 -41.82
C ASN A 99 -9.06 -12.80 -41.66
N PHE A 100 -9.35 -11.83 -40.79
CA PHE A 100 -10.72 -11.35 -40.61
C PHE A 100 -11.26 -10.71 -41.88
N VAL A 101 -10.48 -9.80 -42.48
CA VAL A 101 -10.86 -9.15 -43.73
C VAL A 101 -11.01 -10.19 -44.84
N SER A 102 -10.16 -11.22 -44.84
CA SER A 102 -10.26 -12.33 -45.79
C SER A 102 -11.60 -13.04 -45.68
N LEU A 103 -12.05 -13.32 -44.45
CA LEU A 103 -13.36 -13.95 -44.27
C LEU A 103 -14.48 -13.08 -44.82
N HIS A 104 -14.44 -11.77 -44.53
CA HIS A 104 -15.53 -10.91 -45.00
C HIS A 104 -15.50 -10.71 -46.51
N CYS A 105 -14.32 -10.54 -47.10
CA CYS A 105 -14.28 -10.34 -48.55
C CYS A 105 -14.47 -11.65 -49.32
N HIS A 106 -14.24 -12.81 -48.69
CA HIS A 106 -14.67 -14.06 -49.31
C HIS A 106 -16.18 -14.17 -49.32
N ASN A 107 -16.84 -13.77 -48.22
CA ASN A 107 -18.30 -13.77 -48.22
C ASN A 107 -18.87 -12.78 -49.23
N THR A 108 -18.26 -11.60 -49.34
CA THR A 108 -18.85 -10.56 -50.18
C THR A 108 -18.47 -10.69 -51.67
N CYS A 109 -17.18 -10.80 -51.99
CA CYS A 109 -16.72 -10.58 -53.36
C CYS A 109 -16.11 -11.77 -54.07
N SER A 110 -15.99 -12.93 -53.43
CA SER A 110 -15.30 -14.07 -54.05
C SER A 110 -16.01 -14.52 -55.32
N PRO A 111 -15.27 -14.82 -56.40
CA PRO A 111 -15.89 -15.35 -57.62
C PRO A 111 -16.49 -16.73 -57.48
N ASP A 112 -16.26 -17.42 -56.37
CA ASP A 112 -16.77 -18.75 -56.12
C ASP A 112 -17.74 -18.67 -54.96
N GLN A 113 -18.53 -17.60 -54.96
CA GLN A 113 -19.51 -17.33 -53.91
C GLN A 113 -20.54 -18.44 -53.78
N SER A 114 -20.96 -19.02 -54.90
CA SER A 114 -22.01 -20.03 -54.85
C SER A 114 -21.50 -21.37 -54.32
N LEU A 115 -20.20 -21.57 -54.16
CA LEU A 115 -19.73 -22.87 -53.72
C LEU A 115 -19.93 -23.10 -52.23
N PHE A 116 -20.10 -22.03 -51.45
CA PHE A 116 -20.28 -22.16 -50.02
C PHE A 116 -21.45 -21.35 -49.43
N ILE A 117 -22.18 -20.58 -50.22
CA ILE A 117 -23.23 -19.71 -49.70
C ILE A 117 -24.58 -20.17 -50.25
N ASN A 118 -25.55 -20.36 -49.35
CA ASN A 118 -26.93 -20.71 -49.70
C ASN A 118 -27.82 -19.59 -49.19
N VAL A 119 -28.46 -18.87 -50.09
CA VAL A 119 -29.39 -17.81 -49.71
C VAL A 119 -30.69 -18.45 -49.27
N THR A 120 -31.19 -18.04 -48.10
CA THR A 120 -32.40 -18.65 -47.54
C THR A 120 -33.59 -17.70 -47.38
N ARG A 121 -33.38 -16.40 -47.26
CA ARG A 121 -34.51 -15.50 -47.05
C ARG A 121 -34.27 -14.17 -47.71
N VAL A 122 -35.28 -13.70 -48.46
CA VAL A 122 -35.25 -12.44 -49.20
C VAL A 122 -36.53 -11.67 -48.92
N VAL A 123 -36.51 -10.39 -49.29
CA VAL A 123 -37.72 -9.56 -49.29
C VAL A 123 -37.88 -8.94 -50.68
N GLU A 124 -39.04 -9.16 -51.29
CA GLU A 124 -39.34 -8.62 -52.61
C GLU A 124 -39.37 -7.09 -52.59
N ARG A 125 -38.96 -6.49 -53.71
CA ARG A 125 -38.92 -5.04 -53.86
C ARG A 125 -39.84 -4.55 -54.97
N GLY A 126 -40.89 -5.29 -55.25
CA GLY A 126 -41.80 -4.90 -56.32
C GLY A 126 -41.56 -5.66 -57.60
N ALA A 127 -42.61 -5.79 -58.41
CA ALA A 127 -42.55 -6.50 -59.67
C ALA A 127 -41.57 -5.83 -60.64
N GLY A 128 -40.77 -6.65 -61.31
CA GLY A 128 -39.77 -6.16 -62.23
C GLY A 128 -38.41 -5.92 -61.60
N GLU A 129 -38.33 -5.90 -60.28
CA GLU A 129 -37.13 -5.65 -59.51
C GLU A 129 -36.63 -6.95 -58.87
N PRO A 130 -35.31 -7.09 -58.67
CA PRO A 130 -34.83 -8.23 -57.90
C PRO A 130 -35.12 -8.03 -56.42
N PRO A 131 -35.34 -9.12 -55.69
CA PRO A 131 -35.47 -8.99 -54.23
C PRO A 131 -34.11 -8.82 -53.58
N ALA A 132 -34.12 -8.18 -52.41
CA ALA A 132 -32.91 -7.99 -51.62
C ALA A 132 -32.69 -9.17 -50.70
N VAL A 133 -31.44 -9.54 -50.49
CA VAL A 133 -31.08 -10.65 -49.62
C VAL A 133 -31.04 -10.16 -48.18
N VAL A 134 -31.79 -10.81 -47.30
CA VAL A 134 -31.79 -10.46 -45.89
C VAL A 134 -31.30 -11.59 -44.98
N ALA A 135 -31.24 -12.83 -45.43
CA ALA A 135 -30.64 -13.88 -44.60
C ALA A 135 -30.09 -15.00 -45.46
N TYR A 136 -28.96 -15.55 -45.03
CA TYR A 136 -28.34 -16.66 -45.74
C TYR A 136 -27.44 -17.44 -44.79
N GLU A 137 -26.92 -18.56 -45.28
CA GLU A 137 -25.97 -19.37 -44.54
C GLU A 137 -24.70 -19.58 -45.35
N ALA A 138 -23.59 -19.77 -44.64
CA ALA A 138 -22.28 -19.98 -45.23
C ALA A 138 -21.62 -21.19 -44.59
N PHE A 139 -20.88 -21.94 -45.41
CA PHE A 139 -20.26 -23.20 -45.00
C PHE A 139 -18.75 -23.09 -45.01
N TYR A 140 -18.11 -23.46 -43.90
CA TYR A 140 -16.65 -23.47 -43.82
C TYR A 140 -16.14 -24.79 -43.24
N GLN A 141 -14.87 -25.10 -43.54
CA GLN A 141 -14.22 -26.18 -42.83
C GLN A 141 -13.82 -25.74 -41.44
N ARG A 142 -13.85 -26.70 -40.51
CA ARG A 142 -13.52 -26.42 -39.11
C ARG A 142 -12.08 -25.97 -38.97
N SER A 143 -11.15 -26.62 -39.69
CA SER A 143 -9.74 -26.29 -39.58
C SER A 143 -9.44 -24.87 -40.04
N PHE A 144 -10.13 -24.44 -41.10
CA PHE A 144 -9.98 -23.08 -41.64
C PHE A 144 -10.43 -22.03 -40.62
N ALA A 145 -11.65 -22.18 -40.10
CA ALA A 145 -12.19 -21.24 -39.13
C ALA A 145 -11.39 -21.24 -37.83
N GLU A 146 -10.96 -22.42 -37.38
CA GLU A 146 -10.21 -22.48 -36.13
C GLU A 146 -8.82 -21.86 -36.28
N LYS A 147 -8.17 -22.05 -37.43
CA LYS A 147 -6.89 -21.37 -37.65
C LYS A 147 -7.08 -19.86 -37.72
N ALA A 148 -8.16 -19.41 -38.38
CA ALA A 148 -8.46 -17.98 -38.44
C ALA A 148 -8.75 -17.40 -37.06
N TYR A 149 -9.54 -18.11 -36.25
CA TYR A 149 -9.83 -17.67 -34.88
C TYR A 149 -8.57 -17.64 -34.02
N GLU A 150 -7.79 -18.74 -34.03
CA GLU A 150 -6.59 -18.84 -33.21
C GLU A 150 -5.57 -17.79 -33.58
N SER A 151 -5.49 -17.39 -34.85
CA SER A 151 -4.60 -16.29 -35.22
C SER A 151 -5.00 -14.96 -34.59
N CYS A 152 -6.27 -14.81 -34.18
CA CYS A 152 -6.76 -13.60 -33.54
C CYS A 152 -7.03 -13.75 -32.05
N SER A 153 -6.87 -14.95 -31.50
CA SER A 153 -7.35 -15.28 -30.16
C SER A 153 -6.68 -14.47 -29.05
N GLN A 154 -5.47 -13.97 -29.27
CA GLN A 154 -4.75 -13.27 -28.22
C GLN A 154 -4.51 -11.78 -28.48
N VAL A 155 -5.13 -11.20 -29.51
CA VAL A 155 -4.94 -9.77 -29.79
C VAL A 155 -5.53 -8.96 -28.65
N ARG A 156 -4.76 -8.01 -28.12
CA ARG A 156 -5.14 -7.31 -26.91
C ARG A 156 -5.59 -5.89 -27.17
N ILE A 157 -6.34 -5.35 -26.21
CA ILE A 157 -6.75 -3.95 -26.15
C ILE A 157 -6.07 -3.35 -24.93
N PRO A 158 -4.88 -2.74 -25.07
CA PRO A 158 -4.17 -2.19 -23.91
C PRO A 158 -4.94 -1.18 -23.07
N ALA A 159 -5.74 -0.32 -23.71
CA ALA A 159 -6.54 0.66 -22.98
C ALA A 159 -7.56 -0.02 -22.09
N ALA A 160 -8.14 -1.12 -22.55
CA ALA A 160 -9.12 -1.85 -21.76
C ALA A 160 -8.49 -3.00 -20.97
N ALA A 161 -7.24 -3.35 -21.29
CA ALA A 161 -6.49 -4.45 -20.66
C ALA A 161 -7.24 -5.78 -20.78
N SER A 162 -7.73 -6.05 -21.98
CA SER A 162 -8.50 -7.27 -22.24
C SER A 162 -8.19 -7.72 -23.66
N LEU A 163 -8.77 -8.85 -24.03
CA LEU A 163 -8.59 -9.41 -25.36
C LEU A 163 -9.61 -8.80 -26.30
N ALA A 164 -9.20 -8.57 -27.55
CA ALA A 164 -10.10 -8.04 -28.56
C ALA A 164 -11.26 -9.00 -28.83
N VAL A 165 -10.98 -10.30 -28.76
CA VAL A 165 -11.99 -11.36 -28.95
C VAL A 165 -13.09 -11.25 -27.90
N GLY A 166 -12.77 -10.71 -26.73
CA GLY A 166 -13.75 -10.47 -25.69
C GLY A 166 -14.82 -9.45 -26.06
N SER A 167 -14.58 -8.62 -27.05
CA SER A 167 -15.61 -7.71 -27.52
C SER A 167 -16.35 -8.25 -28.73
N MET A 168 -15.98 -9.43 -29.22
CA MET A 168 -16.54 -9.99 -30.43
C MET A 168 -17.21 -11.35 -30.25
N CYS A 169 -17.51 -11.78 -29.03
CA CYS A 169 -18.16 -13.07 -28.86
C CYS A 169 -19.48 -12.99 -28.09
N GLY A 170 -20.08 -11.81 -27.99
CA GLY A 170 -21.39 -11.66 -27.37
C GLY A 170 -21.45 -12.04 -25.90
N VAL A 171 -22.43 -12.89 -25.56
CA VAL A 171 -22.68 -13.30 -24.18
C VAL A 171 -21.55 -14.15 -23.62
N TYR A 172 -20.76 -14.77 -24.48
CA TYR A 172 -19.61 -15.54 -24.05
C TYR A 172 -18.41 -14.60 -24.05
N GLY A 173 -17.69 -14.57 -22.94
CA GLY A 173 -16.55 -13.70 -22.84
C GLY A 173 -15.35 -14.28 -23.57
N SER A 174 -14.21 -13.59 -23.41
CA SER A 174 -12.98 -14.06 -24.02
C SER A 174 -12.54 -15.42 -23.47
N ALA A 175 -12.90 -15.70 -22.22
CA ALA A 175 -12.58 -16.98 -21.60
C ALA A 175 -13.29 -18.17 -22.27
N LEU A 176 -14.50 -17.98 -22.78
CA LEU A 176 -15.30 -19.10 -23.27
C LEU A 176 -15.57 -19.08 -24.77
N CYS A 177 -14.84 -18.28 -25.53
CA CYS A 177 -15.17 -18.10 -26.95
C CYS A 177 -14.33 -19.03 -27.82
N ASN A 178 -15.01 -19.84 -28.64
CA ASN A 178 -14.40 -20.65 -29.68
C ASN A 178 -14.76 -20.08 -31.05
N ALA A 179 -14.33 -20.76 -32.11
CA ALA A 179 -14.54 -20.29 -33.47
C ALA A 179 -16.02 -20.19 -33.84
N GLN A 180 -16.83 -21.15 -33.36
CA GLN A 180 -18.25 -21.16 -33.68
C GLN A 180 -18.97 -19.96 -33.10
N ARG A 181 -18.68 -19.65 -31.83
CA ARG A 181 -19.30 -18.51 -31.17
C ARG A 181 -18.87 -17.18 -31.78
N TRP A 182 -17.60 -17.09 -32.17
CA TRP A 182 -17.06 -15.88 -32.81
C TRP A 182 -17.74 -15.62 -34.15
N LEU A 183 -17.85 -16.67 -34.97
CA LEU A 183 -18.54 -16.54 -36.26
C LEU A 183 -20.03 -16.31 -36.10
N ASN A 184 -20.66 -16.93 -35.09
CA ASN A 184 -22.07 -16.68 -34.80
C ASN A 184 -22.31 -15.23 -34.41
N PHE A 185 -21.39 -14.64 -33.65
CA PHE A 185 -21.50 -13.22 -33.33
C PHE A 185 -21.42 -12.38 -34.59
N GLN A 186 -20.50 -12.73 -35.52
CA GLN A 186 -20.38 -11.96 -36.76
C GLN A 186 -21.66 -11.94 -37.58
N GLY A 187 -22.44 -13.01 -37.56
CA GLY A 187 -23.69 -13.09 -38.28
C GLY A 187 -24.95 -12.75 -37.52
N ASP A 188 -24.85 -12.28 -36.28
CA ASP A 188 -26.01 -12.05 -35.42
C ASP A 188 -26.43 -10.59 -35.53
N THR A 189 -27.56 -10.34 -36.20
CA THR A 189 -28.04 -8.98 -36.43
C THR A 189 -28.55 -8.29 -35.18
N GLY A 190 -28.77 -9.01 -34.09
CA GLY A 190 -29.27 -8.43 -32.85
C GLY A 190 -28.29 -7.50 -32.14
N ASN A 191 -27.01 -7.53 -32.51
CA ASN A 191 -26.02 -6.70 -31.83
C ASN A 191 -25.93 -5.28 -32.35
N GLY A 192 -26.73 -4.93 -33.37
CA GLY A 192 -26.69 -3.60 -33.92
C GLY A 192 -25.56 -3.35 -34.90
N LEU A 193 -24.75 -4.37 -35.20
CA LEU A 193 -23.59 -4.23 -36.07
C LEU A 193 -23.65 -5.08 -37.32
N ALA A 194 -24.23 -6.26 -37.27
CA ALA A 194 -24.28 -7.12 -38.44
C ALA A 194 -25.36 -6.62 -39.39
N PRO A 195 -25.03 -6.36 -40.66
CA PRO A 195 -26.05 -5.84 -41.59
C PRO A 195 -27.12 -6.85 -41.98
N LEU A 196 -26.84 -8.16 -41.93
CA LEU A 196 -27.86 -9.14 -42.25
C LEU A 196 -27.56 -10.45 -41.52
N ASP A 197 -28.58 -11.31 -41.47
CA ASP A 197 -28.50 -12.56 -40.72
C ASP A 197 -27.78 -13.63 -41.52
N ILE A 198 -26.63 -14.07 -41.01
CA ILE A 198 -25.80 -15.08 -41.65
C ILE A 198 -25.62 -16.22 -40.66
N THR A 199 -26.02 -17.41 -41.05
CA THR A 199 -25.81 -18.60 -40.24
C THR A 199 -24.57 -19.32 -40.73
N PHE A 200 -23.66 -19.66 -39.81
CA PHE A 200 -22.39 -20.27 -40.17
C PHE A 200 -22.37 -21.73 -39.78
N HIS A 201 -22.20 -22.61 -40.76
CA HIS A 201 -22.04 -24.03 -40.48
C HIS A 201 -20.56 -24.36 -40.66
N LEU A 202 -19.88 -24.71 -39.57
CA LEU A 202 -18.50 -25.13 -39.71
C LEU A 202 -18.54 -26.64 -39.90
N LEU A 203 -18.87 -27.03 -41.13
CA LEU A 203 -18.99 -28.43 -41.46
C LEU A 203 -17.62 -29.11 -41.41
N GLU A 204 -17.55 -30.27 -40.78
CA GLU A 204 -16.32 -31.03 -40.64
C GLU A 204 -16.00 -31.78 -41.96
N PRO A 205 -14.72 -32.12 -42.20
CA PRO A 205 -14.37 -32.86 -43.44
C PRO A 205 -14.97 -34.25 -43.63
N GLY A 206 -15.01 -35.09 -42.59
CA GLY A 206 -15.62 -36.42 -42.73
C GLY A 206 -17.10 -36.36 -43.06
N GLN A 207 -17.80 -35.38 -42.49
CA GLN A 207 -19.23 -35.20 -42.67
C GLN A 207 -19.62 -35.01 -44.13
N ALA A 208 -20.78 -35.56 -44.48
CA ALA A 208 -21.35 -35.52 -45.83
C ALA A 208 -22.31 -34.34 -45.87
N LEU A 209 -22.12 -33.55 -46.75
CA LEU A 209 -22.59 -32.29 -47.26
C LEU A 209 -23.73 -32.39 -48.27
N PRO A 210 -24.58 -31.36 -48.26
CA PRO A 210 -25.73 -31.31 -49.17
C PRO A 210 -25.18 -31.08 -50.58
N ASP A 211 -25.84 -31.71 -51.55
CA ASP A 211 -25.64 -31.79 -53.02
C ASP A 211 -24.41 -31.09 -53.59
N GLY A 212 -24.48 -29.85 -54.06
CA GLY A 212 -23.22 -29.37 -54.59
C GLY A 212 -22.32 -28.51 -53.72
N ILE A 213 -22.74 -28.21 -52.49
CA ILE A 213 -21.97 -27.37 -51.57
C ILE A 213 -20.68 -28.06 -51.09
N GLN A 214 -19.58 -27.29 -51.09
CA GLN A 214 -18.32 -27.80 -50.58
C GLN A 214 -17.88 -26.70 -49.62
N PRO A 215 -17.31 -27.04 -48.47
CA PRO A 215 -16.92 -26.00 -47.52
C PRO A 215 -15.77 -25.18 -48.07
N LEU A 216 -15.65 -23.96 -47.55
CA LEU A 216 -14.58 -23.09 -47.98
C LEU A 216 -13.31 -23.42 -47.21
N ASN A 217 -12.17 -23.34 -47.91
CA ASN A 217 -10.87 -23.55 -47.28
C ASN A 217 -9.87 -22.74 -48.11
N GLY A 218 -9.53 -21.55 -47.61
CA GLY A 218 -8.64 -20.65 -48.29
C GLY A 218 -7.34 -20.44 -47.53
N LYS A 219 -6.68 -19.34 -47.83
CA LYS A 219 -5.41 -19.01 -47.21
C LYS A 219 -5.63 -18.37 -45.84
N ILE A 220 -4.83 -18.79 -44.86
CA ILE A 220 -4.80 -18.19 -43.53
C ILE A 220 -3.37 -17.87 -43.18
N ALA A 221 -3.09 -16.61 -42.88
CA ALA A 221 -1.76 -16.19 -42.50
C ALA A 221 -1.46 -16.65 -41.08
N PRO A 222 -0.43 -17.46 -40.86
CA PRO A 222 -0.09 -17.88 -39.51
C PRO A 222 0.57 -16.75 -38.73
N CYS A 223 0.45 -16.86 -37.40
CA CYS A 223 1.06 -15.96 -36.41
C CYS A 223 2.47 -15.49 -36.73
N ASN A 224 3.40 -16.45 -36.79
CA ASN A 224 4.82 -16.17 -36.73
C ASN A 224 5.47 -16.09 -38.10
N GLU A 225 4.71 -16.29 -39.17
CA GLU A 225 5.28 -16.36 -40.50
C GLU A 225 5.07 -15.03 -41.21
N SER A 226 6.15 -14.45 -41.71
CA SER A 226 6.02 -13.20 -42.44
C SER A 226 5.52 -13.49 -43.84
N GLN A 227 4.84 -12.51 -44.43
CA GLN A 227 4.31 -12.64 -45.78
C GLN A 227 4.95 -11.59 -46.68
N GLY A 228 5.51 -12.06 -47.80
CA GLY A 228 6.38 -11.25 -48.64
C GLY A 228 7.47 -10.54 -47.88
N ASP A 229 7.52 -9.23 -48.05
CA ASP A 229 8.55 -8.38 -47.46
C ASP A 229 7.98 -7.48 -46.36
N ASP A 230 6.92 -7.94 -45.70
CA ASP A 230 6.26 -7.13 -44.68
C ASP A 230 7.14 -6.99 -43.44
N SER A 231 7.76 -8.09 -43.00
CA SER A 231 8.54 -8.19 -41.76
C SER A 231 7.80 -7.63 -40.56
N ALA A 232 6.51 -7.97 -40.45
CA ALA A 232 5.65 -7.46 -39.40
C ALA A 232 5.09 -8.65 -38.64
N VAL A 233 5.99 -9.54 -38.20
CA VAL A 233 5.59 -10.71 -37.45
C VAL A 233 5.01 -10.29 -36.12
N CYS A 234 3.87 -10.86 -35.76
CA CYS A 234 3.17 -10.53 -34.53
C CYS A 234 3.98 -10.97 -33.33
N SER A 235 4.08 -10.10 -32.33
CA SER A 235 4.75 -10.47 -31.10
C SER A 235 3.87 -11.42 -30.29
N CYS A 236 4.47 -12.11 -29.32
CA CYS A 236 3.66 -13.11 -28.63
C CYS A 236 2.72 -12.50 -27.60
N GLN A 237 2.88 -11.24 -27.23
CA GLN A 237 1.80 -10.60 -26.49
C GLN A 237 0.53 -10.56 -27.32
N ASP A 238 0.67 -10.38 -28.64
CA ASP A 238 -0.49 -10.26 -29.50
C ASP A 238 -1.01 -11.58 -30.05
N CYS A 239 -0.19 -12.62 -30.26
CA CYS A 239 -0.81 -13.86 -30.72
C CYS A 239 -0.42 -15.12 -29.93
N ALA A 240 0.49 -15.03 -28.98
CA ALA A 240 0.97 -16.13 -28.11
C ALA A 240 1.58 -17.31 -28.86
N ALA A 241 2.09 -17.12 -30.08
CA ALA A 241 2.76 -18.21 -30.75
C ALA A 241 4.13 -17.81 -31.33
N SER A 242 4.70 -16.68 -30.89
CA SER A 242 5.96 -16.30 -31.54
C SER A 242 7.04 -15.83 -30.57
N CYS A 243 7.09 -16.36 -29.35
CA CYS A 243 8.20 -16.04 -28.47
C CYS A 243 8.75 -17.37 -27.94
N PRO A 244 10.07 -17.50 -27.76
CA PRO A 244 10.61 -18.77 -27.26
C PRO A 244 10.19 -19.03 -25.82
N VAL A 245 10.16 -20.32 -25.50
CA VAL A 245 9.67 -20.78 -24.21
C VAL A 245 10.78 -20.68 -23.17
N ILE A 246 10.49 -19.97 -22.09
CA ILE A 246 11.41 -19.80 -20.98
C ILE A 246 10.73 -20.37 -19.74
N PRO A 247 11.37 -21.28 -19.01
CA PRO A 247 10.76 -21.86 -17.81
C PRO A 247 10.53 -20.80 -16.75
N PRO A 248 9.43 -20.90 -15.99
CA PRO A 248 9.02 -19.85 -15.04
C PRO A 248 10.12 -19.50 -14.05
N PRO A 249 10.35 -18.21 -13.82
CA PRO A 249 11.50 -17.79 -13.01
C PRO A 249 11.33 -18.16 -11.55
N GLU A 250 12.43 -18.58 -10.94
CA GLU A 250 12.45 -18.79 -9.50
C GLU A 250 12.26 -17.45 -8.81
N ALA A 251 11.53 -17.46 -7.70
CA ALA A 251 11.28 -16.23 -6.97
C ALA A 251 12.57 -15.73 -6.34
N LEU A 252 12.63 -14.42 -6.14
CA LEU A 252 13.85 -13.82 -5.63
C LEU A 252 13.88 -13.98 -4.12
N ARG A 253 15.11 -13.98 -3.56
CA ARG A 253 15.38 -14.04 -2.13
C ARG A 253 14.58 -12.97 -1.40
N PRO A 254 13.57 -13.38 -0.63
CA PRO A 254 12.62 -12.44 -0.03
C PRO A 254 13.24 -11.48 0.96
N SER A 255 12.71 -10.25 0.97
CA SER A 255 13.08 -9.29 2.01
C SER A 255 12.67 -9.82 3.38
N PHE A 256 13.47 -9.46 4.38
CA PHE A 256 13.60 -9.88 5.80
C PHE A 256 14.60 -11.05 5.90
N TYR A 257 15.28 -11.34 4.80
CA TYR A 257 16.39 -12.29 4.73
C TYR A 257 17.67 -11.47 4.61
N MET A 258 18.71 -11.85 5.34
CA MET A 258 20.00 -11.19 5.28
C MET A 258 20.99 -12.05 4.50
N GLY A 259 21.55 -11.49 3.43
CA GLY A 259 22.46 -12.25 2.59
C GLY A 259 21.79 -13.44 1.93
N ARG A 260 22.21 -14.63 2.35
CA ARG A 260 21.64 -15.89 1.88
C ARG A 260 20.85 -16.61 2.96
N MET A 261 20.61 -15.97 4.10
CA MET A 261 20.03 -16.63 5.25
C MET A 261 18.98 -15.72 5.88
N PRO A 262 18.02 -16.30 6.62
CA PRO A 262 16.99 -15.48 7.29
C PRO A 262 17.57 -14.48 8.29
N GLY A 263 16.85 -13.38 8.46
CA GLY A 263 17.28 -12.34 9.39
C GLY A 263 17.34 -12.80 10.83
N TRP A 264 16.38 -13.64 11.23
CA TRP A 264 16.39 -14.21 12.56
C TRP A 264 17.57 -15.14 12.78
N LEU A 265 17.98 -15.89 11.75
CA LEU A 265 19.18 -16.72 11.85
C LEU A 265 20.41 -15.86 12.09
N ALA A 266 20.49 -14.71 11.40
CA ALA A 266 21.56 -13.75 11.65
C ALA A 266 21.49 -13.19 13.06
N LEU A 267 20.27 -12.96 13.56
CA LEU A 267 20.08 -12.46 14.92
C LEU A 267 20.61 -13.44 15.96
N ILE A 268 20.34 -14.73 15.73
CA ILE A 268 20.79 -15.78 16.64
C ILE A 268 22.32 -15.88 16.60
N ILE A 269 22.90 -15.83 15.41
CA ILE A 269 24.35 -15.92 15.25
C ILE A 269 25.05 -14.76 15.95
N ILE A 270 24.57 -13.52 15.74
CA ILE A 270 25.21 -12.34 16.31
C ILE A 270 25.12 -12.36 17.84
N PHE A 271 23.91 -12.55 18.38
CA PHE A 271 23.73 -12.50 19.83
C PHE A 271 24.49 -13.63 20.53
N THR A 272 24.48 -14.83 19.95
CA THR A 272 25.19 -15.96 20.54
C THR A 272 26.70 -15.72 20.54
N ALA A 273 27.25 -15.24 19.41
CA ALA A 273 28.69 -15.01 19.32
C ALA A 273 29.17 -13.97 20.33
N VAL A 274 28.42 -12.87 20.48
CA VAL A 274 28.82 -11.82 21.42
C VAL A 274 28.73 -12.32 22.85
N PHE A 275 27.63 -13.00 23.20
CA PHE A 275 27.44 -13.55 24.54
C PHE A 275 28.54 -14.53 24.92
N VAL A 276 28.85 -15.49 24.04
CA VAL A 276 29.86 -16.50 24.36
C VAL A 276 31.25 -15.88 24.49
N LEU A 277 31.60 -14.90 23.64
CA LEU A 277 32.91 -14.25 23.75
C LEU A 277 33.05 -13.50 25.07
N LEU A 278 32.04 -12.72 25.44
CA LEU A 278 32.11 -11.95 26.68
C LEU A 278 32.16 -12.85 27.91
N SER A 279 31.38 -13.94 27.90
CA SER A 279 31.40 -14.89 29.02
C SER A 279 32.76 -15.56 29.16
N ALA A 280 33.36 -15.98 28.02
CA ALA A 280 34.69 -16.60 28.06
C ALA A 280 35.75 -15.65 28.60
N VAL A 281 35.71 -14.38 28.21
CA VAL A 281 36.69 -13.41 28.72
C VAL A 281 36.50 -13.19 30.22
N LEU A 282 35.25 -13.08 30.66
CA LEU A 282 34.95 -12.84 32.07
C LEU A 282 35.41 -14.01 32.96
N VAL A 283 35.11 -15.25 32.54
CA VAL A 283 35.57 -16.41 33.32
C VAL A 283 37.10 -16.53 33.27
N ARG A 284 37.74 -16.13 32.16
CA ARG A 284 39.21 -16.07 32.11
C ARG A 284 39.76 -15.14 33.18
N LEU A 285 39.16 -13.95 33.33
CA LEU A 285 39.59 -13.07 34.42
C LEU A 285 39.35 -13.67 35.80
N ARG A 286 38.26 -14.43 35.97
CA ARG A 286 38.05 -15.08 37.26
C ARG A 286 39.14 -16.12 37.58
N VAL A 287 39.48 -16.98 36.61
CA VAL A 287 40.50 -17.99 36.87
C VAL A 287 41.87 -17.35 37.06
N VAL A 288 42.16 -16.26 36.33
CA VAL A 288 43.41 -15.52 36.54
C VAL A 288 43.47 -14.94 37.96
N SER A 289 42.35 -14.37 38.43
CA SER A 289 42.29 -13.88 39.80
C SER A 289 42.46 -15.00 40.82
N ASN A 290 41.92 -16.18 40.54
CA ASN A 290 42.10 -17.33 41.42
C ASN A 290 43.57 -17.78 41.47
N ARG A 291 44.24 -17.78 40.32
CA ARG A 291 45.67 -18.09 40.29
C ARG A 291 46.51 -17.09 41.09
N ASN A 292 46.03 -15.85 41.24
CA ASN A 292 46.72 -14.79 41.97
C ASN A 292 46.47 -14.88 43.49
N LYS A 293 45.81 -15.94 43.94
CA LYS A 293 45.51 -16.31 45.34
C LYS A 293 44.99 -15.17 46.21
N SER A 312 41.69 6.52 42.46
CA SER A 312 40.29 6.30 42.82
C SER A 312 39.34 7.32 42.19
N PRO A 313 38.94 7.09 40.92
CA PRO A 313 37.95 7.97 40.27
C PRO A 313 36.66 8.16 41.05
N HIS A 314 36.26 7.14 41.84
CA HIS A 314 35.07 7.25 42.67
C HIS A 314 35.24 8.34 43.72
N THR A 315 36.46 8.46 44.25
CA THR A 315 36.76 9.51 45.23
C THR A 315 36.78 10.88 44.56
N ILE A 316 37.27 10.95 43.30
CA ILE A 316 37.34 12.20 42.56
C ILE A 316 35.95 12.77 42.32
N LEU A 317 35.05 11.95 41.75
CA LEU A 317 33.68 12.39 41.55
C LEU A 317 32.97 12.62 42.87
N GLY A 318 33.26 11.79 43.89
CA GLY A 318 32.72 12.01 45.22
C GLY A 318 33.02 13.40 45.76
N ARG A 319 34.30 13.79 45.74
CA ARG A 319 34.71 15.11 46.21
C ARG A 319 34.06 16.24 45.41
N PHE A 320 34.03 16.11 44.07
CA PHE A 320 33.37 17.13 43.25
C PHE A 320 31.90 17.27 43.59
N PHE A 321 31.18 16.16 43.64
CA PHE A 321 29.76 16.22 43.94
C PHE A 321 29.47 16.61 45.39
N GLN A 322 30.40 16.36 46.32
CA GLN A 322 30.23 16.89 47.67
C GLN A 322 30.33 18.42 47.68
N ASN A 323 31.27 18.98 46.93
CA ASN A 323 31.38 20.44 46.85
C ASN A 323 30.16 21.05 46.18
N TRP A 324 29.70 20.42 45.09
CA TRP A 324 28.49 20.85 44.39
C TRP A 324 27.25 20.78 45.29
N GLY A 325 27.05 19.63 45.94
CA GLY A 325 25.94 19.46 46.86
C GLY A 325 25.93 20.47 48.00
N THR A 326 27.10 20.72 48.59
CA THR A 326 27.18 21.68 49.69
C THR A 326 26.86 23.09 49.22
N ARG A 327 27.33 23.47 48.02
CA ARG A 327 26.96 24.78 47.49
C ARG A 327 25.46 24.89 47.20
N VAL A 328 24.86 23.82 46.66
CA VAL A 328 23.42 23.84 46.39
C VAL A 328 22.62 23.92 47.68
N ALA A 329 22.99 23.12 48.68
CA ALA A 329 22.33 23.14 49.98
C ALA A 329 22.50 24.48 50.68
N SER A 330 23.61 25.19 50.42
CA SER A 330 23.84 26.49 51.05
C SER A 330 22.84 27.55 50.60
N TRP A 331 22.52 27.60 49.30
CA TRP A 331 21.64 28.62 48.75
C TRP A 331 20.32 28.11 48.15
N PRO A 332 19.52 27.31 48.87
CA PRO A 332 18.44 26.55 48.20
C PRO A 332 17.33 27.36 47.55
N LEU A 333 16.95 28.51 48.13
CA LEU A 333 15.85 29.29 47.56
C LEU A 333 16.23 29.92 46.22
N THR A 334 17.47 30.38 46.10
CA THR A 334 17.91 31.01 44.85
C THR A 334 18.00 29.99 43.71
N VAL A 335 18.54 28.80 43.98
CA VAL A 335 18.60 27.77 42.95
C VAL A 335 17.21 27.28 42.58
N LEU A 336 16.28 27.16 43.56
CA LEU A 336 14.89 26.84 43.22
C LEU A 336 14.26 27.93 42.35
N ALA A 337 14.57 29.20 42.63
CA ALA A 337 14.08 30.31 41.83
C ALA A 337 14.57 30.21 40.39
N LEU A 338 15.87 29.95 40.21
CA LEU A 338 16.40 29.80 38.85
C LEU A 338 15.84 28.58 38.14
N SER A 339 15.63 27.48 38.89
CA SER A 339 15.05 26.28 38.31
C SER A 339 13.65 26.54 37.78
N PHE A 340 12.79 27.18 38.59
CA PHE A 340 11.46 27.51 38.12
C PHE A 340 11.46 28.51 36.97
N ILE A 341 12.39 29.48 36.99
CA ILE A 341 12.49 30.45 35.88
C ILE A 341 12.84 29.75 34.57
N VAL A 342 13.82 28.85 34.60
CA VAL A 342 14.23 28.12 33.39
C VAL A 342 13.11 27.20 32.90
N VAL A 343 12.45 26.50 33.82
CA VAL A 343 11.36 25.59 33.44
C VAL A 343 10.20 26.35 32.81
N ILE A 344 9.79 27.48 33.40
CA ILE A 344 8.70 28.26 32.83
C ILE A 344 9.10 28.89 31.50
N ALA A 345 10.32 29.43 31.41
CA ALA A 345 10.83 30.02 30.17
C ALA A 345 10.87 29.00 29.02
N LEU A 346 11.21 27.76 29.31
CA LEU A 346 11.19 26.73 28.26
C LEU A 346 9.79 26.27 27.95
N ALA A 347 8.97 26.02 28.97
CA ALA A 347 7.59 25.58 28.78
C ALA A 347 6.74 26.60 28.02
N ALA A 348 7.10 27.88 28.09
CA ALA A 348 6.40 28.95 27.37
C ALA A 348 6.35 28.76 25.86
N GLY A 349 7.27 27.97 25.29
CA GLY A 349 7.29 27.65 23.87
C GLY A 349 6.08 26.88 23.36
N LEU A 350 5.27 26.31 24.26
CA LEU A 350 4.08 25.58 23.84
C LEU A 350 3.03 26.44 23.13
N THR A 351 3.11 27.78 23.26
CA THR A 351 2.24 28.69 22.50
C THR A 351 2.47 28.59 21.00
N PHE A 352 3.62 28.09 20.58
CA PHE A 352 3.95 27.93 19.16
C PHE A 352 3.82 26.50 18.66
N ILE A 353 3.17 25.62 19.45
CA ILE A 353 3.07 24.19 19.10
C ILE A 353 2.25 23.99 17.82
N GLU A 354 2.76 23.09 17.01
CA GLU A 354 2.12 22.69 15.76
C GLU A 354 2.03 21.18 15.69
N LEU A 355 0.86 20.70 15.34
CA LEU A 355 0.64 19.27 15.22
C LEU A 355 0.38 18.91 13.75
N THR A 356 1.15 17.97 13.22
CA THR A 356 0.98 17.47 11.85
C THR A 356 0.23 16.13 11.91
N THR A 357 -1.00 16.13 11.39
CA THR A 357 -1.86 14.97 11.45
C THR A 357 -1.91 14.10 10.20
N ASP A 358 -1.25 14.49 9.08
CA ASP A 358 -1.38 13.63 7.91
C ASP A 358 -0.51 12.39 8.03
N PRO A 359 -1.04 11.21 7.66
CA PRO A 359 -0.27 9.95 7.75
C PRO A 359 1.00 9.93 6.91
N VAL A 360 0.98 10.49 5.71
CA VAL A 360 2.17 10.48 4.85
C VAL A 360 3.31 11.23 5.53
N GLU A 361 3.02 12.36 6.17
CA GLU A 361 4.05 13.18 6.81
C GLU A 361 4.70 12.45 7.99
N LEU A 362 3.90 11.90 8.91
CA LEU A 362 4.46 11.18 10.06
C LEU A 362 5.11 9.87 9.68
N TRP A 363 4.46 9.08 8.85
CA TRP A 363 4.92 7.73 8.51
C TRP A 363 6.21 7.72 7.70
N SER A 364 6.44 8.71 6.85
CA SER A 364 7.62 8.69 6.00
C SER A 364 8.41 10.00 6.07
N ALA A 365 9.71 9.87 5.80
CA ALA A 365 10.62 11.01 5.80
C ALA A 365 10.38 11.89 4.58
N PRO A 366 10.47 13.21 4.72
CA PRO A 366 10.25 14.11 3.56
C PRO A 366 11.27 13.98 2.44
N LYS A 367 12.44 13.38 2.68
CA LYS A 367 13.45 13.23 1.65
C LYS A 367 13.86 11.77 1.49
N SER A 368 12.89 10.87 1.56
CA SER A 368 13.14 9.48 1.25
C SER A 368 13.02 9.27 -0.25
N GLN A 369 13.42 8.07 -0.71
CA GLN A 369 13.30 7.74 -2.12
C GLN A 369 11.85 7.71 -2.58
N ALA A 370 10.97 7.07 -1.79
CA ALA A 370 9.55 7.00 -2.12
C ALA A 370 8.90 8.36 -2.16
N ARG A 371 9.33 9.28 -1.29
CA ARG A 371 8.76 10.61 -1.32
C ARG A 371 9.32 11.46 -2.46
N LYS A 372 10.55 11.21 -2.90
CA LYS A 372 11.05 11.87 -4.10
C LYS A 372 10.26 11.43 -5.32
N GLU A 373 9.98 10.14 -5.41
CA GLU A 373 9.16 9.62 -6.51
C GLU A 373 7.73 10.15 -6.45
N LYS A 374 7.17 10.22 -5.24
CA LYS A 374 5.83 10.76 -5.05
C LYS A 374 5.76 12.22 -5.46
N SER A 375 6.77 13.02 -5.09
CA SER A 375 6.83 14.42 -5.49
C SER A 375 6.92 14.57 -7.01
N PHE A 376 7.78 13.76 -7.65
CA PHE A 376 7.90 13.80 -9.11
C PHE A 376 6.57 13.48 -9.79
N HIS A 377 5.92 12.39 -9.37
CA HIS A 377 4.64 12.00 -9.92
C HIS A 377 3.58 13.07 -9.72
N ASP A 378 3.47 13.59 -8.49
CA ASP A 378 2.45 14.60 -8.19
C ASP A 378 2.68 15.88 -8.98
N GLU A 379 3.94 16.28 -9.15
CA GLU A 379 4.22 17.48 -9.93
C GLU A 379 3.91 17.29 -11.41
N HIS A 380 4.35 16.17 -11.99
CA HIS A 380 4.19 16.03 -13.44
C HIS A 380 2.79 15.58 -13.87
N PHE A 381 2.13 14.73 -13.11
CA PHE A 381 0.87 14.16 -13.56
C PHE A 381 -0.32 14.52 -12.70
N GLY A 382 -0.12 15.14 -11.56
CA GLY A 382 -1.20 15.40 -10.64
C GLY A 382 -1.25 14.28 -9.63
N PRO A 383 -1.77 14.55 -8.45
CA PRO A 383 -1.83 13.51 -7.42
C PRO A 383 -2.83 12.42 -7.77
N PHE A 384 -2.59 11.24 -7.21
CA PHE A 384 -3.51 10.12 -7.37
C PHE A 384 -4.84 10.46 -6.73
N PHE A 385 -5.93 10.16 -7.44
CA PHE A 385 -7.26 10.57 -7.02
C PHE A 385 -7.70 9.90 -5.71
N ARG A 386 -8.62 10.56 -5.02
CA ARG A 386 -9.14 10.12 -3.73
C ARG A 386 -10.23 9.10 -3.96
N THR A 387 -10.16 7.97 -3.26
CA THR A 387 -11.12 6.90 -3.47
C THR A 387 -11.93 6.66 -2.21
N ASN A 388 -13.25 6.75 -2.33
CA ASN A 388 -14.19 6.58 -1.23
C ASN A 388 -15.00 5.33 -1.52
N GLN A 389 -14.87 4.30 -0.69
CA GLN A 389 -15.49 3.03 -1.04
C GLN A 389 -16.52 2.56 -0.03
N ILE A 390 -17.46 1.77 -0.53
CA ILE A 390 -18.49 1.12 0.24
C ILE A 390 -18.53 -0.35 -0.15
N PHE A 391 -18.44 -1.25 0.83
CA PHE A 391 -18.59 -2.69 0.62
C PHE A 391 -19.86 -3.12 1.33
N VAL A 392 -20.76 -3.78 0.61
CA VAL A 392 -22.03 -4.21 1.17
C VAL A 392 -22.20 -5.70 0.96
N THR A 393 -22.48 -6.45 2.02
CA THR A 393 -22.84 -7.85 1.88
C THR A 393 -24.18 -8.11 2.55
N ALA A 394 -24.64 -9.36 2.47
CA ALA A 394 -25.99 -9.73 2.88
C ALA A 394 -25.94 -10.55 4.16
N ARG A 395 -26.72 -10.13 5.15
CA ARG A 395 -26.68 -10.72 6.47
C ARG A 395 -27.19 -12.16 6.50
N ASN A 396 -28.38 -12.41 5.93
CA ASN A 396 -28.97 -13.73 6.10
C ASN A 396 -29.71 -14.26 4.86
N ARG A 397 -29.71 -13.56 3.73
CA ARG A 397 -30.40 -14.07 2.56
C ARG A 397 -29.63 -15.27 1.95
N SER A 398 -30.38 -16.27 1.49
CA SER A 398 -29.81 -17.47 0.90
C SER A 398 -29.54 -17.27 -0.59
N SER A 399 -28.88 -18.26 -1.18
CA SER A 399 -28.61 -18.26 -2.61
C SER A 399 -29.77 -18.90 -3.36
N TYR A 400 -29.70 -18.85 -4.69
CA TYR A 400 -30.77 -19.43 -5.52
C TYR A 400 -30.24 -19.72 -6.92
N LYS A 401 -31.06 -20.40 -7.70
CA LYS A 401 -30.73 -20.67 -9.09
C LYS A 401 -31.51 -19.77 -10.05
N TYR A 402 -30.93 -19.53 -11.21
CA TYR A 402 -31.60 -18.81 -12.29
C TYR A 402 -31.31 -19.50 -13.60
N ASP A 403 -32.37 -19.90 -14.32
CA ASP A 403 -32.26 -20.51 -15.65
C ASP A 403 -32.15 -19.41 -16.69
N SER A 404 -30.93 -18.93 -16.91
CA SER A 404 -30.73 -17.79 -17.77
C SER A 404 -30.82 -18.19 -19.24
N LEU A 405 -30.87 -17.19 -20.11
CA LEU A 405 -30.89 -17.41 -21.54
C LEU A 405 -29.46 -17.37 -22.05
N LEU A 406 -29.17 -18.22 -23.05
CA LEU A 406 -27.89 -18.38 -23.76
C LEU A 406 -26.79 -19.00 -22.91
N LEU A 407 -27.01 -19.13 -21.61
CA LEU A 407 -26.11 -19.79 -20.67
C LEU A 407 -26.88 -20.88 -19.95
N GLY A 408 -26.15 -21.73 -19.24
CA GLY A 408 -26.75 -22.75 -18.41
C GLY A 408 -27.31 -22.18 -17.13
N SER A 409 -27.79 -23.07 -16.26
CA SER A 409 -28.31 -22.65 -14.97
C SER A 409 -27.19 -22.02 -14.14
N LYS A 410 -27.51 -20.91 -13.49
CA LYS A 410 -26.49 -20.12 -12.80
C LYS A 410 -26.93 -19.86 -11.37
N ASN A 411 -26.07 -20.21 -10.41
CA ASN A 411 -26.33 -19.87 -9.03
C ASN A 411 -26.13 -18.37 -8.83
N PHE A 412 -26.96 -17.78 -8.00
CA PHE A 412 -26.93 -16.36 -7.68
C PHE A 412 -26.85 -16.21 -6.18
N SER A 413 -26.04 -15.25 -5.74
CA SER A 413 -25.86 -14.99 -4.32
C SER A 413 -27.06 -14.25 -3.75
N GLY A 414 -27.15 -14.29 -2.43
CA GLY A 414 -28.22 -13.59 -1.72
C GLY A 414 -28.20 -12.08 -1.91
N ILE A 415 -27.00 -11.49 -1.93
CA ILE A 415 -26.86 -10.04 -2.08
C ILE A 415 -27.38 -9.52 -3.41
N LEU A 416 -27.47 -10.38 -4.42
CA LEU A 416 -27.93 -9.96 -5.73
C LEU A 416 -29.44 -9.90 -5.86
N SER A 417 -30.20 -10.05 -4.77
CA SER A 417 -31.64 -9.87 -4.80
C SER A 417 -32.01 -8.48 -5.29
N LEU A 418 -33.06 -8.41 -6.13
CA LEU A 418 -33.46 -7.17 -6.80
C LEU A 418 -33.80 -6.05 -5.84
N ASP A 419 -34.46 -6.36 -4.72
CA ASP A 419 -34.83 -5.33 -3.76
C ASP A 419 -33.60 -4.74 -3.07
N PHE A 420 -32.54 -5.54 -2.93
CA PHE A 420 -31.31 -5.04 -2.34
C PHE A 420 -30.66 -4.05 -3.28
N LEU A 421 -30.65 -4.37 -4.57
CA LEU A 421 -30.11 -3.46 -5.58
C LEU A 421 -30.93 -2.20 -5.69
N LEU A 422 -32.25 -2.28 -5.52
CA LEU A 422 -33.08 -1.08 -5.57
C LEU A 422 -32.79 -0.15 -4.40
N GLU A 423 -32.67 -0.68 -3.18
CA GLU A 423 -32.32 0.19 -2.06
C GLU A 423 -30.89 0.71 -2.15
N LEU A 424 -29.95 -0.09 -2.68
CA LEU A 424 -28.61 0.41 -2.91
C LEU A 424 -28.58 1.49 -4.00
N LEU A 425 -29.46 1.38 -5.00
CA LEU A 425 -29.63 2.44 -5.98
C LEU A 425 -30.13 3.71 -5.33
N GLU A 426 -31.09 3.58 -4.42
CA GLU A 426 -31.58 4.75 -3.67
C GLU A 426 -30.46 5.38 -2.85
N LEU A 427 -29.60 4.54 -2.25
CA LEU A 427 -28.44 5.01 -1.50
C LEU A 427 -27.46 5.76 -2.40
N GLN A 428 -27.08 5.16 -3.52
CA GLN A 428 -26.10 5.75 -4.42
C GLN A 428 -26.61 7.06 -5.02
N GLU A 429 -27.87 7.08 -5.42
CA GLU A 429 -28.45 8.30 -5.99
C GLU A 429 -28.58 9.39 -4.93
N ARG A 430 -28.95 9.02 -3.70
CA ARG A 430 -28.96 9.97 -2.59
C ARG A 430 -27.58 10.55 -2.32
N LEU A 431 -26.55 9.70 -2.36
CA LEU A 431 -25.17 10.15 -2.18
C LEU A 431 -24.71 11.10 -3.30
N ARG A 432 -25.09 10.80 -4.55
CA ARG A 432 -24.67 11.66 -5.66
C ARG A 432 -25.22 13.08 -5.54
N HIS A 433 -26.44 13.22 -5.02
CA HIS A 433 -27.07 14.53 -4.91
C HIS A 433 -26.81 15.20 -3.58
N LEU A 434 -25.87 14.67 -2.80
CA LEU A 434 -25.50 15.28 -1.53
C LEU A 434 -24.76 16.59 -1.78
N GLN A 435 -25.15 17.64 -1.07
CA GLN A 435 -24.56 18.96 -1.23
C GLN A 435 -24.15 19.52 0.13
N VAL A 436 -23.11 20.34 0.14
CA VAL A 436 -22.64 20.96 1.37
C VAL A 436 -22.49 22.47 1.18
N TRP A 437 -22.49 23.19 2.30
CA TRP A 437 -22.19 24.62 2.27
C TRP A 437 -20.69 24.81 2.45
N SER A 438 -20.08 25.66 1.62
CA SER A 438 -18.65 25.92 1.77
C SER A 438 -18.44 27.31 2.33
N PRO A 439 -17.97 27.44 3.59
CA PRO A 439 -17.72 28.77 4.16
C PRO A 439 -16.73 29.64 3.39
N GLU A 440 -15.70 29.06 2.78
CA GLU A 440 -14.77 29.87 2.01
C GLU A 440 -15.33 30.25 0.65
N ALA A 441 -15.92 29.28 -0.05
CA ALA A 441 -16.44 29.55 -1.40
C ALA A 441 -17.78 30.26 -1.39
N GLU A 442 -18.48 30.25 -0.24
CA GLU A 442 -19.79 30.89 -0.05
C GLU A 442 -20.84 30.37 -1.03
N ARG A 443 -20.85 29.06 -1.24
CA ARG A 443 -21.78 28.41 -2.15
C ARG A 443 -21.86 26.93 -1.81
N ASN A 444 -22.95 26.30 -2.26
CA ASN A 444 -23.09 24.86 -2.12
C ASN A 444 -22.15 24.14 -3.07
N ILE A 445 -21.38 23.20 -2.52
CA ILE A 445 -20.51 22.32 -3.27
C ILE A 445 -21.25 21.01 -3.48
N SER A 446 -21.42 20.63 -4.73
CA SER A 446 -22.05 19.40 -5.17
C SER A 446 -20.99 18.44 -5.66
N LEU A 447 -21.43 17.26 -6.09
CA LEU A 447 -20.48 16.23 -6.53
C LEU A 447 -19.79 16.63 -7.82
N GLN A 448 -20.51 17.24 -8.77
CA GLN A 448 -19.92 17.56 -10.07
C GLN A 448 -18.87 18.66 -10.02
N ASP A 449 -18.65 19.29 -8.87
CA ASP A 449 -17.62 20.30 -8.77
C ASP A 449 -16.25 19.74 -8.40
N ILE A 450 -16.21 18.57 -7.75
CA ILE A 450 -14.96 18.04 -7.23
C ILE A 450 -14.68 16.62 -7.72
N CYS A 451 -15.63 16.02 -8.43
CA CYS A 451 -15.49 14.62 -8.81
C CYS A 451 -14.47 14.47 -9.93
N TYR A 452 -13.96 13.26 -10.06
CA TYR A 452 -13.09 12.93 -11.18
C TYR A 452 -13.96 12.59 -12.37
N ALA A 453 -13.57 13.06 -13.53
CA ALA A 453 -14.34 12.73 -14.72
C ALA A 453 -13.38 12.46 -15.87
N PRO A 454 -13.33 11.24 -16.37
CA PRO A 454 -12.39 10.94 -17.46
C PRO A 454 -12.87 11.49 -18.78
N LEU A 455 -14.17 11.49 -19.02
CA LEU A 455 -14.73 12.12 -20.21
C LEU A 455 -15.39 13.42 -19.76
N ASN A 456 -15.30 14.43 -20.62
CA ASN A 456 -15.75 15.79 -20.33
C ASN A 456 -15.17 16.35 -19.03
N PRO A 457 -13.84 16.52 -18.93
CA PRO A 457 -13.26 17.07 -17.69
C PRO A 457 -13.72 18.49 -17.38
N TYR A 458 -13.86 19.35 -18.39
CA TYR A 458 -14.33 20.70 -18.21
C TYR A 458 -15.83 20.75 -18.50
N ASN A 459 -16.53 21.61 -17.76
CA ASN A 459 -17.98 21.82 -17.87
C ASN A 459 -18.71 20.48 -17.63
N THR A 460 -18.30 19.81 -16.57
CA THR A 460 -18.82 18.48 -16.28
C THR A 460 -20.20 18.57 -15.61
N SER A 461 -20.87 17.42 -15.55
CA SER A 461 -22.17 17.28 -14.92
C SER A 461 -22.16 16.01 -14.08
N LEU A 462 -23.27 15.76 -13.38
CA LEU A 462 -23.40 14.55 -12.57
C LEU A 462 -23.28 13.28 -13.40
N SER A 463 -23.74 13.29 -14.64
CA SER A 463 -23.63 12.12 -15.50
C SER A 463 -22.20 11.82 -15.92
N ASP A 464 -21.26 12.74 -15.72
CA ASP A 464 -19.87 12.51 -16.10
C ASP A 464 -18.98 12.05 -14.94
N CYS A 465 -19.44 12.20 -13.70
CA CYS A 465 -18.61 11.86 -12.54
C CYS A 465 -18.37 10.36 -12.45
N CYS A 466 -17.14 10.00 -12.06
CA CYS A 466 -16.72 8.60 -11.97
C CYS A 466 -17.30 7.98 -10.71
N VAL A 467 -18.30 7.13 -10.88
CA VAL A 467 -18.94 6.36 -9.81
C VAL A 467 -19.06 4.93 -10.31
N ASN A 468 -18.38 3.99 -9.66
CA ASN A 468 -18.38 2.60 -10.09
C ASN A 468 -19.26 1.76 -9.18
N SER A 469 -20.12 0.93 -9.78
CA SER A 469 -20.99 0.00 -9.08
C SER A 469 -21.55 -0.97 -10.09
N LEU A 470 -22.19 -2.04 -9.57
CA LEU A 470 -22.95 -2.95 -10.42
C LEU A 470 -24.03 -2.21 -11.20
N LEU A 471 -24.72 -1.27 -10.53
CA LEU A 471 -25.84 -0.54 -11.09
C LEU A 471 -25.45 0.29 -12.30
N GLN A 472 -24.16 0.54 -12.49
CA GLN A 472 -23.66 1.22 -13.68
C GLN A 472 -23.88 0.41 -14.95
N TYR A 473 -24.09 -0.90 -14.86
CA TYR A 473 -24.48 -1.66 -16.05
C TYR A 473 -25.85 -1.24 -16.55
N PHE A 474 -26.67 -0.61 -15.72
CA PHE A 474 -27.98 -0.11 -16.09
C PHE A 474 -28.00 1.41 -16.14
N GLN A 475 -26.82 2.03 -16.24
CA GLN A 475 -26.60 3.48 -16.33
C GLN A 475 -27.29 4.27 -15.23
N ASN A 476 -27.37 3.68 -14.03
CA ASN A 476 -27.98 4.29 -12.83
C ASN A 476 -29.41 4.74 -13.09
N ASN A 477 -30.17 3.90 -13.79
CA ASN A 477 -31.51 4.25 -14.25
C ASN A 477 -32.43 3.19 -13.69
N ARG A 478 -33.33 3.62 -12.80
CA ARG A 478 -34.23 2.69 -12.11
C ARG A 478 -35.16 1.97 -13.08
N THR A 479 -35.69 2.69 -14.07
CA THR A 479 -36.61 2.11 -15.05
C THR A 479 -35.95 1.00 -15.85
N LEU A 480 -34.67 1.15 -16.17
CA LEU A 480 -33.96 0.13 -16.95
C LEU A 480 -33.71 -1.12 -16.10
N LEU A 481 -33.42 -0.92 -14.81
CA LEU A 481 -33.18 -2.04 -13.90
C LEU A 481 -34.41 -2.93 -13.76
N MET A 482 -35.60 -2.32 -13.67
CA MET A 482 -36.84 -3.07 -13.47
C MET A 482 -37.46 -3.55 -14.77
N LEU A 483 -36.78 -3.36 -15.90
CA LEU A 483 -37.37 -3.71 -17.19
C LEU A 483 -37.30 -5.21 -17.44
N THR A 484 -38.34 -5.74 -18.09
CA THR A 484 -38.41 -7.13 -18.51
C THR A 484 -38.80 -7.20 -19.98
N ALA A 485 -38.41 -8.28 -20.64
CA ALA A 485 -38.69 -8.46 -22.06
C ALA A 485 -38.97 -9.92 -22.38
N ASN A 486 -39.63 -10.13 -23.51
CA ASN A 486 -39.97 -11.46 -24.03
C ASN A 486 -39.08 -11.78 -25.22
N GLN A 487 -38.30 -12.85 -25.12
CA GLN A 487 -37.42 -13.28 -26.20
C GLN A 487 -37.60 -14.75 -26.54
N THR A 488 -37.76 -15.06 -27.81
CA THR A 488 -37.83 -16.45 -28.24
C THR A 488 -36.46 -16.88 -28.75
N LEU A 489 -35.83 -17.81 -28.06
CA LEU A 489 -34.59 -18.41 -28.51
C LEU A 489 -34.79 -19.91 -28.65
N ASN A 490 -34.04 -20.50 -29.57
CA ASN A 490 -34.18 -21.89 -30.03
C ASN A 490 -35.62 -22.36 -30.22
N GLY A 491 -36.51 -21.49 -30.70
CA GLY A 491 -37.89 -21.85 -30.89
C GLY A 491 -38.78 -21.70 -29.67
N GLN A 492 -38.21 -21.39 -28.50
CA GLN A 492 -38.94 -21.33 -27.25
C GLN A 492 -38.94 -19.91 -26.71
N THR A 493 -40.12 -19.37 -26.45
CA THR A 493 -40.25 -18.04 -25.86
C THR A 493 -39.95 -18.11 -24.36
N SER A 494 -39.16 -17.15 -23.87
CA SER A 494 -38.85 -17.07 -22.46
C SER A 494 -38.79 -15.59 -22.07
N LEU A 495 -38.51 -15.35 -20.80
CA LEU A 495 -38.48 -14.02 -20.22
C LEU A 495 -37.05 -13.63 -19.89
N VAL A 496 -36.69 -12.39 -20.22
CA VAL A 496 -35.38 -11.83 -19.95
C VAL A 496 -35.56 -10.67 -18.99
N ASP A 497 -34.66 -10.55 -18.02
CA ASP A 497 -34.71 -9.48 -17.03
C ASP A 497 -33.30 -8.97 -16.79
N TRP A 498 -33.14 -8.20 -15.70
CA TRP A 498 -31.85 -7.59 -15.36
C TRP A 498 -30.73 -8.61 -15.16
N LYS A 499 -31.07 -9.85 -14.78
CA LYS A 499 -30.03 -10.83 -14.48
C LYS A 499 -29.31 -11.29 -15.74
N ASP A 500 -29.99 -11.27 -16.88
CA ASP A 500 -29.34 -11.69 -18.11
C ASP A 500 -28.41 -10.60 -18.63
N HIS A 501 -28.80 -9.34 -18.44
CA HIS A 501 -27.93 -8.22 -18.76
C HIS A 501 -26.72 -8.20 -17.84
N PHE A 502 -26.92 -8.46 -16.54
CA PHE A 502 -25.81 -8.57 -15.60
C PHE A 502 -24.82 -9.65 -16.02
N LEU A 503 -25.30 -10.86 -16.35
CA LEU A 503 -24.39 -11.93 -16.76
C LEU A 503 -23.66 -11.58 -18.04
N TYR A 504 -24.37 -10.98 -19.00
CA TYR A 504 -23.78 -10.56 -20.27
C TYR A 504 -22.66 -9.56 -20.05
N CYS A 505 -22.94 -8.51 -19.27
CA CYS A 505 -21.94 -7.49 -18.98
C CYS A 505 -20.79 -8.00 -18.12
N ALA A 506 -21.06 -8.90 -17.18
CA ALA A 506 -19.99 -9.49 -16.39
C ALA A 506 -19.05 -10.30 -17.26
N ASN A 507 -19.57 -10.98 -18.27
CA ASN A 507 -18.66 -11.74 -19.14
C ASN A 507 -17.99 -10.88 -20.20
N ALA A 508 -18.69 -9.89 -20.75
CA ALA A 508 -18.20 -9.10 -21.87
C ALA A 508 -18.42 -7.61 -21.64
N PRO A 509 -17.68 -7.00 -20.70
CA PRO A 509 -17.95 -5.59 -20.33
C PRO A 509 -17.78 -4.56 -21.44
N LEU A 510 -17.16 -4.91 -22.56
CA LEU A 510 -16.92 -3.98 -23.66
C LEU A 510 -18.00 -4.13 -24.73
N THR A 511 -19.24 -3.93 -24.33
CA THR A 511 -20.40 -4.11 -25.20
C THR A 511 -21.14 -2.80 -25.37
N PHE A 512 -21.34 -2.38 -26.61
CA PHE A 512 -22.15 -1.19 -26.84
C PHE A 512 -23.65 -1.47 -26.84
N LYS A 513 -24.06 -2.69 -27.16
CA LYS A 513 -25.47 -3.00 -27.21
C LYS A 513 -25.70 -4.45 -26.87
N ASP A 514 -26.61 -4.70 -25.94
CA ASP A 514 -26.97 -6.05 -25.56
C ASP A 514 -27.84 -6.67 -26.62
N GLY A 515 -27.81 -8.00 -26.72
CA GLY A 515 -28.59 -8.67 -27.74
C GLY A 515 -29.87 -9.32 -27.27
N THR A 516 -30.06 -9.41 -25.96
CA THR A 516 -31.21 -10.10 -25.38
C THR A 516 -32.45 -9.21 -25.33
N SER A 517 -32.90 -8.75 -26.52
CA SER A 517 -34.14 -8.00 -26.73
C SER A 517 -34.18 -6.66 -26.00
N LEU A 518 -33.05 -6.20 -25.48
CA LEU A 518 -32.96 -4.95 -24.75
C LEU A 518 -31.78 -4.19 -25.32
N ALA A 519 -32.04 -2.99 -25.82
CA ALA A 519 -30.97 -2.17 -26.36
C ALA A 519 -30.36 -1.36 -25.22
N LEU A 520 -29.62 -2.06 -24.37
CA LEU A 520 -29.00 -1.49 -23.19
C LEU A 520 -27.49 -1.46 -23.37
N SER A 521 -26.89 -0.30 -23.18
CA SER A 521 -25.45 -0.22 -23.21
C SER A 521 -24.88 -0.91 -21.99
N CYS A 522 -23.74 -1.53 -22.16
CA CYS A 522 -23.05 -2.19 -21.07
C CYS A 522 -22.03 -1.26 -20.41
N MET A 523 -21.87 -0.06 -20.95
CA MET A 523 -20.96 0.95 -20.42
C MET A 523 -21.63 1.75 -19.32
N ALA A 524 -20.79 2.38 -18.50
CA ALA A 524 -21.26 3.29 -17.47
C ALA A 524 -21.79 4.56 -18.11
N ASP A 525 -22.60 5.31 -17.35
CA ASP A 525 -23.19 6.54 -17.87
C ASP A 525 -22.13 7.58 -18.25
N TYR A 526 -20.98 7.57 -17.58
CA TYR A 526 -19.93 8.51 -17.91
C TYR A 526 -19.05 8.04 -19.06
N GLY A 527 -19.39 6.93 -19.71
CA GLY A 527 -18.72 6.52 -20.91
C GLY A 527 -17.58 5.54 -20.78
N ALA A 528 -17.50 4.79 -19.70
CA ALA A 528 -16.41 3.84 -19.53
C ALA A 528 -16.96 2.45 -19.27
N PRO A 529 -16.23 1.40 -19.65
CA PRO A 529 -16.65 0.05 -19.27
C PRO A 529 -16.51 -0.15 -17.78
N VAL A 530 -17.36 -1.00 -17.22
CA VAL A 530 -17.30 -1.35 -15.82
C VAL A 530 -16.84 -2.79 -15.74
N PHE A 531 -15.63 -2.97 -15.29
CA PHE A 531 -15.11 -4.32 -15.22
C PHE A 531 -15.67 -4.99 -13.97
N PRO A 532 -15.90 -6.31 -14.02
CA PRO A 532 -16.51 -7.00 -12.88
C PRO A 532 -15.74 -6.92 -11.58
N PHE A 533 -14.41 -6.77 -11.61
CA PHE A 533 -13.68 -6.63 -10.36
C PHE A 533 -13.82 -5.24 -9.74
N LEU A 534 -14.47 -4.29 -10.42
CA LEU A 534 -14.71 -2.96 -9.87
C LEU A 534 -16.13 -2.79 -9.38
N ALA A 535 -17.03 -3.69 -9.72
CA ALA A 535 -18.43 -3.62 -9.36
C ALA A 535 -18.81 -4.59 -8.25
N VAL A 536 -18.29 -5.82 -8.30
CA VAL A 536 -18.60 -6.86 -7.33
C VAL A 536 -17.28 -7.42 -6.82
N GLY A 537 -17.37 -8.22 -5.76
CA GLY A 537 -16.18 -8.89 -5.28
C GLY A 537 -16.56 -10.06 -4.42
N GLY A 538 -15.56 -10.88 -4.10
CA GLY A 538 -15.83 -12.06 -3.32
C GLY A 538 -16.23 -13.26 -4.16
N TYR A 539 -15.41 -13.59 -5.16
CA TYR A 539 -15.70 -14.69 -6.06
C TYR A 539 -14.39 -15.36 -6.46
N GLN A 540 -14.51 -16.53 -7.06
CA GLN A 540 -13.37 -17.24 -7.62
C GLN A 540 -13.61 -17.53 -9.09
N GLY A 541 -12.52 -17.62 -9.84
CA GLY A 541 -12.60 -17.90 -11.27
C GLY A 541 -13.37 -16.85 -12.02
N THR A 542 -14.39 -17.30 -12.76
CA THR A 542 -15.26 -16.41 -13.53
C THR A 542 -16.70 -16.51 -13.07
N ASP A 543 -16.91 -16.96 -11.83
CA ASP A 543 -18.25 -17.13 -11.28
C ASP A 543 -18.74 -15.81 -10.69
N TYR A 544 -18.99 -14.86 -11.59
CA TYR A 544 -19.32 -13.49 -11.19
C TYR A 544 -20.67 -13.42 -10.51
N SER A 545 -21.61 -14.28 -10.90
CA SER A 545 -22.94 -14.30 -10.31
C SER A 545 -22.95 -14.79 -8.86
N GLU A 546 -21.88 -15.43 -8.40
CA GLU A 546 -21.79 -15.93 -7.04
C GLU A 546 -21.12 -14.93 -6.09
N ALA A 547 -20.86 -13.71 -6.55
CA ALA A 547 -20.14 -12.70 -5.78
C ALA A 547 -20.82 -12.38 -4.46
N GLU A 548 -20.02 -12.37 -3.38
CA GLU A 548 -20.56 -12.15 -2.03
C GLU A 548 -20.81 -10.67 -1.73
N ALA A 549 -19.95 -9.77 -2.18
CA ALA A 549 -20.04 -8.38 -1.79
C ALA A 549 -20.18 -7.47 -3.00
N LEU A 550 -20.92 -6.38 -2.82
CA LEU A 550 -21.05 -5.34 -3.83
C LEU A 550 -20.22 -4.12 -3.42
N ILE A 551 -19.65 -3.45 -4.41
CA ILE A 551 -18.69 -2.37 -4.20
C ILE A 551 -19.22 -1.11 -4.86
N ILE A 552 -19.28 -0.01 -4.10
CA ILE A 552 -19.63 1.30 -4.63
C ILE A 552 -18.44 2.23 -4.42
N THR A 553 -17.91 2.79 -5.49
CA THR A 553 -16.69 3.58 -5.43
C THR A 553 -16.91 4.98 -5.98
N PHE A 554 -16.55 5.99 -5.20
CA PHE A 554 -16.57 7.38 -5.64
C PHE A 554 -15.13 7.86 -5.75
N SER A 555 -14.75 8.34 -6.93
CA SER A 555 -13.40 8.84 -7.15
C SER A 555 -13.45 10.35 -7.30
N LEU A 556 -12.74 11.05 -6.43
CA LEU A 556 -12.70 12.51 -6.43
C LEU A 556 -11.32 12.97 -6.84
N ASN A 557 -11.23 14.17 -7.40
CA ASN A 557 -9.93 14.70 -7.78
C ASN A 557 -9.15 15.09 -6.52
N ASN A 558 -7.87 14.74 -6.50
CA ASN A 558 -7.00 15.14 -5.42
C ASN A 558 -6.26 16.41 -5.83
N TYR A 559 -5.61 17.05 -4.87
CA TYR A 559 -4.94 18.32 -5.14
C TYR A 559 -3.77 18.41 -4.15
N PRO A 560 -2.89 19.42 -4.19
CA PRO A 560 -1.92 19.57 -3.12
C PRO A 560 -2.62 20.06 -1.86
N ALA A 561 -2.03 19.73 -0.70
CA ALA A 561 -2.64 20.03 0.60
C ALA A 561 -2.88 21.52 0.82
N ASP A 562 -1.95 22.38 0.40
CA ASP A 562 -2.12 23.82 0.57
C ASP A 562 -3.30 24.37 -0.22
N ASP A 563 -3.59 23.79 -1.39
CA ASP A 563 -4.64 24.26 -2.31
C ASP A 563 -6.00 24.29 -1.62
N PRO A 564 -6.80 25.34 -1.84
CA PRO A 564 -8.13 25.44 -1.20
C PRO A 564 -9.16 24.38 -1.59
N ARG A 565 -9.09 23.81 -2.81
CA ARG A 565 -10.07 22.83 -3.28
C ARG A 565 -10.14 21.59 -2.38
N MET A 566 -8.99 21.22 -1.79
CA MET A 566 -8.93 20.08 -0.88
C MET A 566 -9.88 20.21 0.29
N ALA A 567 -10.04 21.43 0.82
CA ALA A 567 -10.97 21.66 1.92
C ALA A 567 -12.40 21.33 1.50
N GLN A 568 -12.77 21.71 0.28
CA GLN A 568 -14.10 21.40 -0.24
C GLN A 568 -14.29 19.90 -0.38
N ALA A 569 -13.28 19.21 -0.90
CA ALA A 569 -13.34 17.76 -1.04
C ALA A 569 -13.46 17.07 0.32
N LYS A 570 -12.76 17.57 1.33
CA LYS A 570 -12.88 17.03 2.68
C LYS A 570 -14.25 17.28 3.28
N LEU A 571 -14.86 18.45 3.01
CA LEU A 571 -16.22 18.71 3.49
C LEU A 571 -17.22 17.74 2.87
N TRP A 572 -17.08 17.47 1.57
CA TRP A 572 -17.97 16.51 0.92
C TRP A 572 -17.76 15.11 1.48
N GLU A 573 -16.51 14.71 1.69
CA GLU A 573 -16.23 13.39 2.26
C GLU A 573 -16.77 13.26 3.69
N GLU A 574 -16.73 14.34 4.47
CA GLU A 574 -17.34 14.33 5.81
C GLU A 574 -18.84 14.09 5.75
N ALA A 575 -19.53 14.79 4.83
CA ALA A 575 -20.95 14.54 4.63
C ALA A 575 -21.22 13.12 4.15
N PHE A 576 -20.34 12.59 3.28
CA PHE A 576 -20.38 11.21 2.84
C PHE A 576 -20.31 10.24 4.02
N LEU A 577 -19.37 10.48 4.94
CA LEU A 577 -19.21 9.62 6.11
C LEU A 577 -20.45 9.64 7.00
N LYS A 578 -21.02 10.83 7.23
CA LYS A 578 -22.24 10.91 8.05
C LYS A 578 -23.42 10.20 7.39
N GLU A 579 -23.57 10.35 6.07
CA GLU A 579 -24.63 9.67 5.34
C GLU A 579 -24.46 8.16 5.37
N MET A 580 -23.22 7.69 5.24
CA MET A 580 -22.98 6.25 5.31
C MET A 580 -23.20 5.70 6.71
N GLU A 581 -22.86 6.45 7.76
CA GLU A 581 -23.17 5.99 9.10
C GLU A 581 -24.67 5.90 9.32
N SER A 582 -25.42 6.85 8.74
CA SER A 582 -26.88 6.79 8.78
C SER A 582 -27.42 5.53 8.10
N PHE A 583 -26.95 5.25 6.87
CA PHE A 583 -27.41 4.06 6.17
C PHE A 583 -26.90 2.78 6.84
N GLN A 584 -25.76 2.85 7.53
CA GLN A 584 -25.25 1.69 8.25
C GLN A 584 -26.16 1.34 9.41
N ARG A 585 -26.59 2.36 10.16
CA ARG A 585 -27.47 2.13 11.31
C ARG A 585 -28.86 1.71 10.86
N ASN A 586 -29.37 2.33 9.78
CA ASN A 586 -30.77 2.17 9.39
C ASN A 586 -31.11 0.73 9.01
N THR A 587 -30.23 0.04 8.29
CA THR A 587 -30.57 -1.29 7.77
C THR A 587 -29.59 -2.32 8.32
N SER A 588 -29.84 -2.74 9.55
CA SER A 588 -29.10 -3.82 10.18
C SER A 588 -29.78 -5.17 9.98
N ASP A 589 -30.98 -5.18 9.42
CA ASP A 589 -31.72 -6.40 9.16
C ASP A 589 -31.41 -7.01 7.80
N LYS A 590 -30.71 -6.28 6.93
CA LYS A 590 -30.45 -6.80 5.61
C LYS A 590 -28.98 -6.84 5.22
N PHE A 591 -28.19 -5.85 5.61
CA PHE A 591 -26.83 -5.75 5.10
C PHE A 591 -25.81 -5.65 6.22
N GLN A 592 -24.61 -6.14 5.92
CA GLN A 592 -23.42 -5.83 6.70
C GLN A 592 -22.56 -4.94 5.83
N VAL A 593 -22.31 -3.71 6.31
CA VAL A 593 -21.77 -2.62 5.50
C VAL A 593 -20.45 -2.15 6.11
N ALA A 594 -19.41 -2.06 5.27
CA ALA A 594 -18.14 -1.45 5.63
C ALA A 594 -17.91 -0.29 4.69
N PHE A 595 -17.34 0.80 5.18
CA PHE A 595 -17.13 1.94 4.29
C PHE A 595 -15.92 2.74 4.71
N SER A 596 -15.34 3.44 3.75
CA SER A 596 -14.18 4.29 4.00
C SER A 596 -14.18 5.51 3.13
N ALA A 597 -13.44 6.51 3.57
CA ALA A 597 -13.23 7.77 2.88
C ALA A 597 -11.74 8.05 2.92
N GLU A 598 -11.27 8.89 2.01
CA GLU A 598 -9.84 9.21 1.94
C GLU A 598 -9.34 9.89 3.22
N ARG A 599 -10.14 10.78 3.79
CA ARG A 599 -9.72 11.49 4.98
C ARG A 599 -9.89 10.70 6.27
N SER A 600 -10.54 9.54 6.19
CA SER A 600 -10.85 8.74 7.38
C SER A 600 -9.60 8.29 8.11
N LEU A 601 -8.58 7.88 7.35
CA LEU A 601 -7.32 7.41 7.94
C LEU A 601 -6.67 8.53 8.73
N GLU A 602 -6.75 9.76 8.23
CA GLU A 602 -6.18 10.88 8.97
C GLU A 602 -7.04 11.20 10.19
N ASP A 603 -8.36 11.08 10.06
CA ASP A 603 -9.24 11.40 11.18
C ASP A 603 -9.20 10.35 12.28
N GLU A 604 -9.12 9.07 11.90
CA GLU A 604 -9.23 8.02 12.91
C GLU A 604 -7.96 7.86 13.74
N ILE A 605 -6.78 8.00 13.12
CA ILE A 605 -5.52 7.84 13.84
C ILE A 605 -5.37 8.89 14.92
N ASN A 606 -5.71 10.14 14.61
CA ASN A 606 -5.53 11.24 15.54
C ASN A 606 -6.78 11.58 16.37
N ARG A 607 -7.80 10.71 16.32
CA ARG A 607 -9.04 11.00 17.04
C ARG A 607 -8.86 10.96 18.55
N THR A 608 -8.10 10.00 19.06
CA THR A 608 -8.09 9.66 20.48
C THR A 608 -6.88 10.19 21.23
N THR A 609 -6.08 11.07 20.61
CA THR A 609 -4.94 11.70 21.28
C THR A 609 -5.37 12.39 22.57
N ILE A 610 -6.49 13.10 22.54
CA ILE A 610 -6.94 13.88 23.69
C ILE A 610 -7.88 13.09 24.60
N GLN A 611 -8.74 12.25 24.01
CA GLN A 611 -9.82 11.57 24.75
C GLN A 611 -9.31 10.71 25.92
N ASP A 612 -8.22 9.98 25.73
CA ASP A 612 -7.69 9.13 26.79
C ASP A 612 -6.55 9.75 27.58
N LEU A 613 -6.20 10.99 27.30
CA LEU A 613 -5.14 11.67 28.05
C LEU A 613 -5.52 11.98 29.52
N PRO A 614 -6.74 12.45 29.86
CA PRO A 614 -7.09 12.51 31.29
C PRO A 614 -7.20 11.16 31.97
N VAL A 615 -7.33 10.07 31.22
CA VAL A 615 -7.32 8.75 31.82
C VAL A 615 -5.90 8.40 32.23
N PHE A 616 -4.94 8.68 31.34
CA PHE A 616 -3.52 8.50 31.62
C PHE A 616 -3.05 9.32 32.80
N ALA A 617 -3.62 10.53 32.97
CA ALA A 617 -3.21 11.48 34.01
C ALA A 617 -3.21 10.93 35.44
N VAL A 618 -3.99 9.88 35.70
CA VAL A 618 -4.07 9.25 37.02
C VAL A 618 -2.73 8.64 37.45
N SER A 619 -1.87 8.32 36.49
CA SER A 619 -0.53 7.78 36.78
C SER A 619 0.32 8.76 37.58
N TYR A 620 0.21 10.06 37.30
CA TYR A 620 0.95 11.05 38.07
C TYR A 620 0.49 11.09 39.52
N ILE A 621 -0.81 10.95 39.75
CA ILE A 621 -1.35 10.90 41.10
C ILE A 621 -0.86 9.66 41.83
N ILE A 622 -0.87 8.51 41.15
CA ILE A 622 -0.40 7.27 41.76
C ILE A 622 1.09 7.35 42.11
N VAL A 623 1.91 7.91 41.23
CA VAL A 623 3.33 8.08 41.50
C VAL A 623 3.57 9.04 42.67
N PHE A 624 2.84 10.16 42.69
CA PHE A 624 2.89 11.11 43.82
C PHE A 624 2.58 10.43 45.15
N LEU A 625 1.48 9.68 45.19
CA LEU A 625 1.09 8.98 46.42
C LEU A 625 2.09 7.92 46.82
N TYR A 626 2.62 7.16 45.85
CA TYR A 626 3.61 6.13 46.16
C TYR A 626 4.87 6.72 46.74
N ILE A 627 5.40 7.78 46.12
CA ILE A 627 6.62 8.42 46.63
C ILE A 627 6.38 9.01 48.01
N SER A 628 5.23 9.67 48.20
CA SER A 628 4.89 10.25 49.50
C SER A 628 4.77 9.20 50.60
N LEU A 629 4.12 8.07 50.32
CA LEU A 629 3.91 7.06 51.35
C LEU A 629 5.14 6.20 51.58
N ALA A 630 5.83 5.80 50.51
CA ALA A 630 6.96 4.87 50.61
C ALA A 630 8.14 5.44 51.40
N LEU A 631 8.34 6.74 51.38
CA LEU A 631 9.46 7.37 52.08
C LEU A 631 9.14 7.72 53.53
N GLY A 632 7.98 7.29 54.04
CA GLY A 632 7.56 7.61 55.38
C GLY A 632 6.33 6.81 55.77
N SER A 633 5.37 7.48 56.42
CA SER A 633 4.06 6.93 56.82
C SER A 633 4.20 5.66 57.68
N TYR A 634 4.87 5.82 58.81
CA TYR A 634 5.20 4.66 59.65
C TYR A 634 5.01 4.98 61.12
N SER A 635 4.97 3.90 61.90
CA SER A 635 4.93 3.75 63.36
C SER A 635 3.54 3.99 63.96
N ARG A 636 2.58 4.53 63.24
CA ARG A 636 1.27 4.73 63.85
C ARG A 636 0.12 4.14 63.05
N CYS A 637 0.18 4.22 61.71
CA CYS A 637 -0.86 3.83 60.76
C CYS A 637 -2.18 4.58 60.99
N SER A 638 -2.15 5.69 61.70
CA SER A 638 -3.31 6.56 61.89
C SER A 638 -2.94 8.03 61.83
N ARG A 639 -1.66 8.37 61.84
CA ARG A 639 -1.17 9.74 61.74
C ARG A 639 -0.33 9.92 60.49
N VAL A 640 -0.43 8.97 59.54
CA VAL A 640 0.33 8.94 58.30
C VAL A 640 0.10 10.14 57.41
N ALA A 641 -1.02 10.86 57.58
CA ALA A 641 -1.29 12.09 56.83
C ALA A 641 -0.20 13.14 57.02
N VAL A 642 0.48 13.15 58.17
CA VAL A 642 1.51 14.13 58.45
C VAL A 642 2.90 13.49 58.48
N GLU A 643 2.99 12.17 58.69
CA GLU A 643 4.27 11.49 58.71
C GLU A 643 4.74 11.06 57.33
N SER A 644 3.87 11.13 56.32
CA SER A 644 4.28 10.86 54.95
C SER A 644 5.09 12.03 54.40
N LYS A 645 5.86 11.74 53.36
CA LYS A 645 6.73 12.74 52.72
C LYS A 645 6.02 13.36 51.52
N ALA A 646 4.96 14.13 51.82
CA ALA A 646 4.19 14.79 50.77
C ALA A 646 5.02 15.80 50.00
N THR A 647 5.91 16.52 50.70
CA THR A 647 6.75 17.52 50.06
C THR A 647 7.67 16.92 49.01
N LEU A 648 8.25 15.76 49.30
CA LEU A 648 9.21 15.19 48.36
C LEU A 648 8.50 14.52 47.18
N GLY A 649 7.31 13.98 47.40
CA GLY A 649 6.49 13.51 46.30
C GLY A 649 6.10 14.63 45.36
N LEU A 650 5.64 15.75 45.92
CA LEU A 650 5.31 16.92 45.13
C LEU A 650 6.50 17.42 44.34
N GLY A 651 7.67 17.49 44.98
CA GLY A 651 8.91 17.84 44.30
C GLY A 651 9.24 16.93 43.13
N GLY A 652 9.20 15.62 43.36
CA GLY A 652 9.46 14.65 42.29
C GLY A 652 8.56 14.81 41.09
N VAL A 653 7.25 14.89 41.34
CA VAL A 653 6.29 15.01 40.24
C VAL A 653 6.44 16.34 39.50
N ILE A 654 6.73 17.42 40.23
CA ILE A 654 6.99 18.71 39.58
C ILE A 654 8.27 18.68 38.75
N VAL A 655 9.33 18.05 39.25
CA VAL A 655 10.58 17.92 38.48
C VAL A 655 10.36 17.14 37.18
N VAL A 656 9.60 16.05 37.25
CA VAL A 656 9.27 15.28 36.04
C VAL A 656 8.46 16.11 35.05
N LEU A 657 7.41 16.79 35.53
CA LEU A 657 6.60 17.65 34.66
C LEU A 657 7.42 18.79 34.07
N GLY A 658 8.34 19.34 34.86
CA GLY A 658 9.24 20.37 34.38
C GLY A 658 10.08 19.91 33.21
N ALA A 659 10.71 18.73 33.34
CA ALA A 659 11.51 18.19 32.26
C ALA A 659 10.69 17.92 31.00
N VAL A 660 9.48 17.39 31.17
CA VAL A 660 8.63 17.06 30.02
C VAL A 660 8.20 18.33 29.28
N LEU A 661 7.70 19.32 30.02
CA LEU A 661 7.24 20.56 29.42
C LEU A 661 8.39 21.36 28.83
N ALA A 662 9.55 21.33 29.47
CA ALA A 662 10.73 22.03 28.95
C ALA A 662 11.19 21.42 27.63
N ALA A 663 11.20 20.09 27.53
CA ALA A 663 11.62 19.44 26.28
C ALA A 663 10.66 19.74 25.14
N MET A 664 9.35 19.62 25.40
CA MET A 664 8.36 19.93 24.36
C MET A 664 8.39 21.40 23.97
N GLY A 665 8.56 22.28 24.96
CA GLY A 665 8.64 23.71 24.68
C GLY A 665 9.84 24.09 23.83
N PHE A 666 11.03 23.59 24.19
CA PHE A 666 12.23 23.86 23.42
C PHE A 666 12.09 23.40 21.97
N TYR A 667 11.58 22.19 21.76
CA TYR A 667 11.40 21.72 20.39
C TYR A 667 10.34 22.52 19.65
N SER A 668 9.31 23.00 20.36
CA SER A 668 8.39 23.95 19.73
C SER A 668 9.08 25.27 19.36
N TYR A 669 10.04 25.72 20.20
CA TYR A 669 10.81 26.92 19.87
C TYR A 669 11.69 26.73 18.64
N LEU A 670 12.07 25.50 18.31
CA LEU A 670 12.92 25.33 17.13
C LEU A 670 12.12 25.06 15.87
N GLY A 671 10.79 25.06 15.96
CA GLY A 671 9.96 24.81 14.81
C GLY A 671 9.79 23.35 14.47
N VAL A 672 10.09 22.46 15.41
CA VAL A 672 9.93 21.02 15.20
C VAL A 672 8.52 20.64 15.65
N PRO A 673 7.71 20.05 14.80
CA PRO A 673 6.35 19.69 15.19
C PRO A 673 6.29 18.46 16.08
N SER A 674 5.16 18.31 16.77
CA SER A 674 4.89 17.17 17.62
C SER A 674 3.78 16.32 17.00
N SER A 675 3.50 15.18 17.64
CA SER A 675 2.55 14.24 17.08
C SER A 675 1.93 13.44 18.22
N LEU A 676 1.14 12.43 17.88
CA LEU A 676 0.47 11.60 18.87
C LEU A 676 1.45 10.76 19.69
N VAL A 677 2.59 10.41 19.11
CA VAL A 677 3.61 9.65 19.83
C VAL A 677 4.31 10.50 20.88
N ILE A 678 4.11 11.82 20.84
CA ILE A 678 4.68 12.75 21.79
C ILE A 678 3.70 12.94 22.95
N ILE A 679 2.49 13.36 22.61
CA ILE A 679 1.50 13.74 23.62
C ILE A 679 1.11 12.56 24.49
N GLN A 680 0.84 11.41 23.88
CA GLN A 680 0.32 10.28 24.65
C GLN A 680 1.36 9.36 25.27
N VAL A 681 2.66 9.52 25.00
CA VAL A 681 3.66 8.58 25.47
C VAL A 681 4.75 9.26 26.30
N VAL A 682 5.25 10.41 25.84
CA VAL A 682 6.45 11.01 26.44
C VAL A 682 6.33 11.35 27.93
N PRO A 683 5.24 12.00 28.43
CA PRO A 683 5.20 12.27 29.88
C PRO A 683 5.16 11.05 30.77
N PHE A 684 4.70 9.91 30.26
CA PHE A 684 4.52 8.74 31.10
C PHE A 684 5.70 7.80 31.06
N LEU A 685 6.39 7.74 29.93
CA LEU A 685 7.69 7.07 29.90
C LEU A 685 8.72 7.84 30.70
N VAL A 686 8.75 9.18 30.55
CA VAL A 686 9.65 10.01 31.36
C VAL A 686 9.27 9.93 32.84
N LEU A 687 7.97 9.85 33.15
CA LEU A 687 7.54 9.62 34.53
C LEU A 687 8.09 8.31 35.08
N ALA A 688 8.01 7.23 34.30
CA ALA A 688 8.56 5.95 34.70
C ALA A 688 10.07 6.00 34.94
N VAL A 689 10.79 6.82 34.16
CA VAL A 689 12.24 6.86 34.28
C VAL A 689 12.71 7.83 35.37
N GLY A 690 12.23 9.08 35.34
CA GLY A 690 12.81 10.18 36.10
C GLY A 690 12.82 10.04 37.62
N ALA A 691 11.80 9.41 38.20
CA ALA A 691 11.71 9.39 39.66
C ALA A 691 12.64 8.38 40.33
N ASP A 692 13.32 7.54 39.54
CA ASP A 692 14.15 6.47 40.10
C ASP A 692 15.35 7.05 40.84
N ASN A 693 15.98 8.08 40.26
CA ASN A 693 17.21 8.62 40.81
C ASN A 693 16.96 9.34 42.12
N ILE A 694 15.86 10.08 42.21
CA ILE A 694 15.56 10.78 43.44
C ILE A 694 15.08 9.81 44.52
N PHE A 695 14.38 8.73 44.13
CA PHE A 695 13.97 7.75 45.14
C PHE A 695 15.19 7.09 45.77
N ILE A 696 16.17 6.71 44.94
CA ILE A 696 17.40 6.10 45.44
C ILE A 696 18.18 7.07 46.31
N PHE A 697 18.31 8.32 45.86
CA PHE A 697 19.00 9.37 46.60
C PHE A 697 18.38 9.62 47.98
N VAL A 698 17.05 9.73 48.05
CA VAL A 698 16.38 9.96 49.33
C VAL A 698 16.55 8.76 50.27
N LEU A 699 16.43 7.54 49.74
CA LEU A 699 16.64 6.35 50.58
C LEU A 699 18.06 6.28 51.13
N GLU A 700 19.06 6.62 50.30
CA GLU A 700 20.44 6.61 50.78
C GLU A 700 20.68 7.70 51.81
N TYR A 701 20.03 8.86 51.65
CA TYR A 701 20.05 9.91 52.66
C TYR A 701 19.52 9.41 54.00
N GLN A 702 18.38 8.71 53.99
CA GLN A 702 17.82 8.19 55.23
C GLN A 702 18.70 7.12 55.86
N ARG A 703 19.34 6.27 55.05
CA ARG A 703 20.08 5.15 55.62
C ARG A 703 21.37 5.57 56.33
N LEU A 704 22.15 6.46 55.71
CA LEU A 704 23.42 6.88 56.31
C LEU A 704 23.21 7.76 57.53
N PRO A 705 23.82 7.44 58.66
CA PRO A 705 23.75 8.33 59.83
C PRO A 705 24.64 9.55 59.70
N ARG A 706 24.23 10.61 60.39
CA ARG A 706 25.01 11.84 60.46
C ARG A 706 26.11 11.70 61.51
N MET A 707 27.25 12.34 61.23
CA MET A 707 28.32 12.33 62.22
C MET A 707 28.10 13.46 63.22
N PRO A 708 28.56 13.29 64.45
CA PRO A 708 28.45 14.36 65.47
C PRO A 708 29.09 15.68 65.06
N GLY A 709 28.36 16.77 65.32
CA GLY A 709 28.81 18.12 65.04
C GLY A 709 28.68 18.56 63.60
N GLU A 710 28.32 17.66 62.68
CA GLU A 710 28.21 17.98 61.28
C GLU A 710 26.89 18.69 60.98
N GLN A 711 26.93 19.62 60.03
CA GLN A 711 25.72 20.34 59.63
C GLN A 711 25.01 19.56 58.53
N ARG A 712 23.71 19.85 58.36
CA ARG A 712 22.91 19.11 57.38
C ARG A 712 23.40 19.33 55.95
N GLU A 713 24.00 20.49 55.67
CA GLU A 713 24.49 20.78 54.33
C GLU A 713 25.65 19.87 53.96
N ALA A 714 26.59 19.67 54.89
CA ALA A 714 27.68 18.73 54.67
C ALA A 714 27.17 17.30 54.54
N HIS A 715 26.13 16.95 55.30
CA HIS A 715 25.54 15.62 55.23
C HIS A 715 24.94 15.35 53.85
N ILE A 716 24.15 16.29 53.35
CA ILE A 716 23.55 16.18 52.02
C ILE A 716 24.63 16.17 50.94
N GLY A 717 25.67 16.99 51.12
CA GLY A 717 26.83 16.94 50.23
C GLY A 717 27.47 15.57 50.16
N ARG A 718 27.74 14.97 51.32
CA ARG A 718 28.34 13.63 51.37
C ARG A 718 27.42 12.58 50.75
N THR A 719 26.10 12.70 50.97
CA THR A 719 25.14 11.78 50.37
C THR A 719 25.15 11.87 48.85
N LEU A 720 25.13 13.10 48.33
CA LEU A 720 25.18 13.31 46.88
C LEU A 720 26.49 12.82 46.30
N GLY A 721 27.60 13.02 47.02
CA GLY A 721 28.87 12.44 46.61
C GLY A 721 28.85 10.92 46.57
N SER A 722 28.10 10.32 47.49
CA SER A 722 27.99 8.86 47.52
C SER A 722 27.22 8.31 46.32
N VAL A 723 26.09 8.93 45.96
CA VAL A 723 25.22 8.31 44.95
C VAL A 723 25.21 9.00 43.59
N ALA A 724 25.78 10.20 43.44
CA ALA A 724 25.75 10.90 42.16
C ALA A 724 26.40 10.22 40.96
N PRO A 725 27.53 9.48 41.07
CA PRO A 725 28.03 8.75 39.88
C PRO A 725 27.04 7.78 39.26
N SER A 726 26.19 7.12 40.06
CA SER A 726 25.26 6.16 39.49
C SER A 726 24.10 6.86 38.80
N MET A 727 23.58 7.93 39.41
CA MET A 727 22.52 8.72 38.78
C MET A 727 23.01 9.36 37.49
N LEU A 728 24.26 9.84 37.48
CA LEU A 728 24.85 10.38 36.27
C LEU A 728 25.00 9.31 35.20
N LEU A 729 25.45 8.12 35.60
CA LEU A 729 25.58 6.99 34.68
C LEU A 729 24.26 6.63 34.03
N CYS A 730 23.19 6.51 34.83
CA CYS A 730 21.89 6.12 34.30
C CYS A 730 21.32 7.19 33.37
N SER A 731 21.43 8.47 33.77
CA SER A 731 20.93 9.56 32.93
C SER A 731 21.69 9.65 31.61
N LEU A 732 23.03 9.55 31.66
CA LEU A 732 23.81 9.59 30.42
C LEU A 732 23.53 8.41 29.52
N SER A 733 23.43 7.21 30.11
CA SER A 733 23.19 6.01 29.30
C SER A 733 21.84 6.08 28.59
N GLU A 734 20.80 6.50 29.31
CA GLU A 734 19.48 6.60 28.68
C GLU A 734 19.42 7.73 27.65
N ALA A 735 20.01 8.88 27.96
CA ALA A 735 19.99 10.00 27.01
C ALA A 735 20.74 9.66 25.72
N ILE A 736 21.91 9.03 25.85
CA ILE A 736 22.70 8.64 24.68
C ILE A 736 21.96 7.59 23.87
N CYS A 737 21.30 6.63 24.54
CA CYS A 737 20.52 5.63 23.82
C CYS A 737 19.36 6.25 23.05
N PHE A 738 18.63 7.19 23.65
CA PHE A 738 17.53 7.86 22.92
C PHE A 738 18.03 8.66 21.71
N PHE A 739 19.11 9.41 21.89
CA PHE A 739 19.63 10.18 20.76
C PHE A 739 20.17 9.29 19.64
N LEU A 740 20.80 8.16 20.00
CA LEU A 740 21.19 7.18 18.98
C LEU A 740 19.97 6.53 18.33
N GLY A 741 18.90 6.33 19.09
CA GLY A 741 17.66 5.82 18.53
C GLY A 741 16.94 6.80 17.62
N ALA A 742 17.35 8.06 17.61
CA ALA A 742 16.76 9.05 16.72
C ALA A 742 17.20 8.90 15.26
N LEU A 743 18.00 7.89 14.91
CA LEU A 743 18.42 7.67 13.54
C LEU A 743 17.35 7.06 12.65
N THR A 744 16.21 6.65 13.21
CA THR A 744 15.13 6.06 12.43
C THR A 744 14.61 7.03 11.38
N PRO A 745 14.40 6.58 10.14
CA PRO A 745 13.89 7.49 9.10
C PRO A 745 12.50 8.02 9.36
N MET A 746 11.70 7.33 10.19
CA MET A 746 10.31 7.67 10.46
C MET A 746 10.21 8.90 11.34
N PRO A 747 9.68 10.03 10.83
CA PRO A 747 9.67 11.29 11.61
C PRO A 747 8.98 11.26 12.97
N ALA A 748 7.88 10.51 13.13
CA ALA A 748 7.22 10.42 14.43
C ALA A 748 8.16 9.84 15.49
N VAL A 749 8.90 8.80 15.12
CA VAL A 749 9.83 8.16 16.04
C VAL A 749 11.05 9.04 16.26
N ARG A 750 11.54 9.70 15.21
CA ARG A 750 12.63 10.67 15.35
C ARG A 750 12.30 11.78 16.34
N THR A 751 11.10 12.36 16.22
CA THR A 751 10.65 13.40 17.14
C THR A 751 10.51 12.87 18.56
N PHE A 752 9.95 11.65 18.69
CA PHE A 752 9.85 10.97 19.98
C PHE A 752 11.20 10.81 20.65
N ALA A 753 12.19 10.31 19.91
CA ALA A 753 13.51 10.08 20.45
C ALA A 753 14.20 11.38 20.85
N LEU A 754 14.07 12.44 20.04
CA LEU A 754 14.75 13.69 20.39
C LEU A 754 14.11 14.35 21.62
N THR A 755 12.77 14.30 21.70
CA THR A 755 12.06 14.85 22.84
C THR A 755 12.39 14.09 24.12
N SER A 756 12.41 12.76 24.04
CA SER A 756 12.73 11.95 25.21
C SER A 756 14.16 12.15 25.68
N GLY A 757 15.13 12.20 24.75
CA GLY A 757 16.51 12.50 25.09
C GLY A 757 16.69 13.81 25.82
N LEU A 758 16.10 14.89 25.28
CA LEU A 758 16.20 16.18 25.94
C LEU A 758 15.51 16.18 27.30
N ALA A 759 14.36 15.51 27.39
CA ALA A 759 13.63 15.40 28.66
C ALA A 759 14.45 14.68 29.72
N ILE A 760 15.17 13.62 29.35
CA ILE A 760 16.02 12.91 30.32
C ILE A 760 17.17 13.80 30.78
N ILE A 761 17.81 14.53 29.86
CA ILE A 761 18.91 15.41 30.24
C ILE A 761 18.43 16.52 31.18
N LEU A 762 17.33 17.18 30.83
CA LEU A 762 16.77 18.23 31.68
C LEU A 762 16.29 17.67 33.01
N ASP A 763 15.75 16.45 33.02
CA ASP A 763 15.35 15.81 34.26
C ASP A 763 16.53 15.62 35.19
N PHE A 764 17.66 15.14 34.66
CA PHE A 764 18.88 15.02 35.47
C PHE A 764 19.34 16.37 36.00
N LEU A 765 19.33 17.40 35.14
CA LEU A 765 19.77 18.73 35.58
C LEU A 765 18.87 19.31 36.67
N LEU A 766 17.56 19.09 36.60
CA LEU A 766 16.67 19.48 37.71
C LEU A 766 16.90 18.64 38.96
N GLN A 767 17.19 17.34 38.81
CA GLN A 767 17.41 16.51 40.00
C GLN A 767 18.62 16.96 40.81
N MET A 768 19.69 17.38 40.14
CA MET A 768 20.88 17.78 40.88
C MET A 768 20.82 19.19 41.42
N THR A 769 19.77 19.97 41.12
CA THR A 769 19.68 21.33 41.65
C THR A 769 18.41 21.54 42.47
N ALA A 770 17.24 21.52 41.83
CA ALA A 770 15.99 21.84 42.53
C ALA A 770 15.63 20.81 43.60
N PHE A 771 15.81 19.52 43.31
CA PHE A 771 15.43 18.51 44.28
C PHE A 771 16.37 18.46 45.47
N VAL A 772 17.67 18.63 45.25
CA VAL A 772 18.63 18.68 46.36
C VAL A 772 18.29 19.84 47.29
N ALA A 773 17.97 21.00 46.71
CA ALA A 773 17.53 22.16 47.49
C ALA A 773 16.25 21.88 48.26
N LEU A 774 15.30 21.19 47.63
CA LEU A 774 14.05 20.84 48.29
C LEU A 774 14.29 19.90 49.46
N LEU A 775 15.17 18.90 49.26
CA LEU A 775 15.51 17.98 50.34
C LEU A 775 16.18 18.73 51.50
N SER A 776 17.01 19.73 51.18
CA SER A 776 17.61 20.58 52.21
C SER A 776 16.55 21.33 53.02
N LEU A 777 15.61 21.96 52.33
CA LEU A 777 14.56 22.71 53.03
C LEU A 777 13.63 21.79 53.83
N ASP A 778 13.33 20.60 53.30
CA ASP A 778 12.53 19.64 54.03
C ASP A 778 13.25 19.11 55.26
N SER A 779 14.58 18.89 55.16
CA SER A 779 15.37 18.51 56.32
C SER A 779 15.37 19.60 57.38
N LYS A 780 15.50 20.86 56.94
CA LYS A 780 15.36 22.01 57.82
C LYS A 780 14.03 22.02 58.57
N ARG A 781 12.93 21.76 57.86
CA ARG A 781 11.63 21.66 58.51
C ARG A 781 11.57 20.44 59.44
N GLN A 782 12.20 19.33 59.06
CA GLN A 782 12.19 18.10 59.85
C GLN A 782 12.91 18.28 61.18
N GLU A 783 14.02 19.02 61.19
CA GLU A 783 14.79 19.24 62.43
C GLU A 783 13.97 19.98 63.50
N ALA A 784 13.06 20.85 63.09
CA ALA A 784 12.22 21.57 64.03
C ALA A 784 11.06 20.74 64.58
N SER A 785 10.93 19.48 64.14
CA SER A 785 9.87 18.54 64.54
C SER A 785 8.49 19.12 64.30
N ARG A 786 8.31 19.68 63.11
CA ARG A 786 7.06 20.30 62.71
C ARG A 786 6.45 19.53 61.55
N PRO A 787 5.13 19.61 61.37
CA PRO A 787 4.52 19.10 60.15
C PRO A 787 5.06 19.82 58.92
N ASP A 788 4.97 19.15 57.77
CA ASP A 788 5.48 19.70 56.54
C ASP A 788 4.61 20.85 56.02
N VAL A 789 4.97 21.35 54.84
CA VAL A 789 4.37 22.56 54.31
C VAL A 789 2.92 22.30 53.92
N LEU A 790 2.67 21.20 53.20
CA LEU A 790 1.33 20.94 52.68
C LEU A 790 0.33 20.61 53.78
N CYS A 791 0.72 19.74 54.72
CA CYS A 791 -0.19 19.25 55.76
C CYS A 791 -0.07 20.10 57.03
N CYS A 792 -0.49 21.36 56.93
CA CYS A 792 -0.46 22.29 58.05
C CYS A 792 -1.38 21.87 59.19
N LYS A 804 15.09 3.91 62.74
CA LYS A 804 16.42 3.36 62.48
C LYS A 804 16.32 1.88 62.12
N GLU A 805 15.35 1.58 61.27
CA GLU A 805 14.98 0.24 60.80
C GLU A 805 13.90 0.43 59.74
N GLY A 806 13.63 -0.63 58.99
CA GLY A 806 12.53 -0.59 58.06
C GLY A 806 12.23 -1.98 57.52
N LEU A 807 11.01 -2.14 57.02
CA LEU A 807 10.57 -3.43 56.51
C LEU A 807 11.36 -3.88 55.29
N LEU A 808 11.80 -2.93 54.46
CA LEU A 808 12.58 -3.29 53.27
C LEU A 808 13.93 -3.90 53.66
N LEU A 809 14.62 -3.29 54.61
CA LEU A 809 15.94 -3.80 54.97
C LEU A 809 15.83 -5.07 55.80
N ARG A 810 14.85 -5.14 56.70
CA ARG A 810 14.63 -6.35 57.47
C ARG A 810 14.24 -7.51 56.56
N PHE A 811 13.35 -7.26 55.60
CA PHE A 811 12.92 -8.29 54.66
C PHE A 811 14.07 -8.79 53.80
N PHE A 812 14.82 -7.87 53.18
CA PHE A 812 15.93 -8.29 52.32
C PHE A 812 17.05 -8.95 53.13
N ARG A 813 17.34 -8.42 54.34
CA ARG A 813 18.43 -8.95 55.15
C ARG A 813 18.10 -10.32 55.71
N LYS A 814 16.87 -10.54 56.18
CA LYS A 814 16.54 -11.77 56.87
C LYS A 814 15.85 -12.83 56.01
N ILE A 815 15.16 -12.44 54.95
CA ILE A 815 14.39 -13.37 54.14
C ILE A 815 14.99 -13.55 52.75
N TYR A 816 15.20 -12.46 52.03
CA TYR A 816 15.57 -12.58 50.62
C TYR A 816 17.03 -13.00 50.43
N ALA A 817 17.96 -12.23 50.99
CA ALA A 817 19.38 -12.55 50.84
C ALA A 817 19.82 -13.90 51.41
N PRO A 818 19.32 -14.41 52.56
CA PRO A 818 19.64 -15.80 52.93
C PRO A 818 19.07 -16.84 51.97
N PHE A 819 18.09 -16.48 51.14
CA PHE A 819 17.48 -17.43 50.22
C PHE A 819 18.18 -17.42 48.87
N LEU A 820 18.29 -16.24 48.24
CA LEU A 820 18.87 -16.13 46.91
C LEU A 820 20.31 -16.61 46.84
N LEU A 821 21.12 -16.29 47.85
CA LEU A 821 22.53 -16.65 47.85
C LEU A 821 22.82 -17.95 48.61
N HIS A 822 21.78 -18.72 48.92
CA HIS A 822 21.98 -20.03 49.54
C HIS A 822 22.66 -20.97 48.56
N ARG A 823 23.50 -21.86 49.10
CA ARG A 823 24.30 -22.79 48.29
C ARG A 823 23.47 -23.74 47.44
N PHE A 824 22.21 -24.01 47.79
CA PHE A 824 21.37 -24.88 46.98
C PHE A 824 20.45 -24.10 46.04
N ILE A 825 20.67 -22.80 45.89
CA ILE A 825 19.86 -21.95 45.03
C ILE A 825 20.65 -21.41 43.85
N ARG A 826 21.89 -20.96 44.09
CA ARG A 826 22.70 -20.29 43.06
C ARG A 826 22.93 -21.10 41.78
N PRO A 827 23.29 -22.39 41.78
CA PRO A 827 23.37 -23.11 40.50
C PRO A 827 22.02 -23.28 39.82
N VAL A 828 20.92 -23.28 40.59
CA VAL A 828 19.60 -23.45 40.01
C VAL A 828 19.16 -22.17 39.32
N VAL A 829 19.42 -21.02 39.95
CA VAL A 829 19.17 -19.72 39.33
C VAL A 829 19.99 -19.55 38.06
N MET A 830 21.28 -19.94 38.11
CA MET A 830 22.14 -19.86 36.93
C MET A 830 21.61 -20.72 35.78
N LEU A 831 21.23 -21.96 36.09
CA LEU A 831 20.73 -22.88 35.06
C LEU A 831 19.40 -22.40 34.50
N LEU A 832 18.51 -21.89 35.36
CA LEU A 832 17.20 -21.42 34.94
C LEU A 832 17.31 -20.21 34.02
N PHE A 833 18.19 -19.26 34.36
CA PHE A 833 18.31 -18.07 33.52
C PHE A 833 19.03 -18.35 32.21
N LEU A 834 20.05 -19.22 32.22
CA LEU A 834 20.65 -19.61 30.94
C LEU A 834 19.68 -20.39 30.06
N THR A 835 18.81 -21.20 30.67
CA THR A 835 17.76 -21.88 29.93
C THR A 835 16.78 -20.90 29.31
N LEU A 836 16.38 -19.87 30.08
CA LEU A 836 15.49 -18.84 29.57
C LEU A 836 16.12 -18.07 28.39
N PHE A 837 17.39 -17.72 28.53
CA PHE A 837 18.12 -17.03 27.45
C PHE A 837 18.17 -17.89 26.18
N GLY A 838 18.53 -19.17 26.31
CA GLY A 838 18.54 -20.05 25.14
C GLY A 838 17.17 -20.25 24.52
N ALA A 839 16.13 -20.39 25.35
CA ALA A 839 14.77 -20.55 24.85
C ALA A 839 14.32 -19.31 24.09
N ASN A 840 14.67 -18.13 24.58
CA ASN A 840 14.30 -16.91 23.87
C ASN A 840 15.09 -16.74 22.57
N LEU A 841 16.35 -17.21 22.53
CA LEU A 841 17.08 -17.27 21.27
C LEU A 841 16.39 -18.18 20.26
N TYR A 842 15.83 -19.30 20.72
CA TYR A 842 15.03 -20.12 19.82
C TYR A 842 13.78 -19.39 19.34
N LEU A 843 13.02 -18.83 20.29
CA LEU A 843 11.74 -18.17 19.99
C LEU A 843 11.88 -16.97 19.07
N MET A 844 13.07 -16.34 19.06
CA MET A 844 13.39 -15.23 18.16
C MET A 844 13.15 -15.52 16.66
N CYS A 845 12.99 -16.78 16.27
CA CYS A 845 12.73 -17.10 14.86
C CYS A 845 11.38 -16.58 14.37
N ASN A 846 10.39 -16.44 15.26
CA ASN A 846 9.03 -16.05 14.86
C ASN A 846 8.85 -14.52 14.87
N ILE A 847 9.61 -13.83 14.02
CA ILE A 847 9.54 -12.37 13.95
C ILE A 847 8.83 -11.94 12.67
N ASN A 848 7.75 -11.20 12.86
CA ASN A 848 7.05 -10.52 11.78
C ASN A 848 7.71 -9.17 11.55
N VAL A 849 7.87 -8.79 10.29
CA VAL A 849 8.44 -7.51 9.92
C VAL A 849 7.37 -6.69 9.22
N GLY A 850 7.13 -5.49 9.69
CA GLY A 850 6.13 -4.63 9.09
C GLY A 850 4.92 -4.46 9.97
N LEU A 851 4.22 -3.34 9.79
CA LEU A 851 3.04 -3.02 10.58
C LEU A 851 1.83 -2.87 9.67
N ASP A 852 0.76 -3.57 9.99
CA ASP A 852 -0.50 -3.54 9.25
C ASP A 852 -1.20 -2.21 9.47
N GLN A 853 -2.03 -1.81 8.48
CA GLN A 853 -2.76 -0.55 8.59
C GLN A 853 -3.73 -0.58 9.77
N GLU A 854 -4.36 -1.74 10.01
CA GLU A 854 -5.33 -1.92 11.10
C GLU A 854 -4.69 -1.65 12.45
N LEU A 855 -3.43 -2.09 12.59
CA LEU A 855 -2.65 -1.88 13.80
C LEU A 855 -2.60 -0.42 14.21
N ALA A 856 -2.50 0.51 13.25
CA ALA A 856 -2.44 1.92 13.60
C ALA A 856 -3.73 2.42 14.24
N LEU A 857 -4.87 1.92 13.78
CA LEU A 857 -6.20 2.39 14.16
C LEU A 857 -6.55 2.20 15.64
N PRO A 858 -7.43 3.06 16.17
CA PRO A 858 -8.07 2.80 17.46
C PRO A 858 -8.92 1.54 17.44
N LYS A 859 -9.01 0.90 18.63
CA LYS A 859 -9.72 -0.36 18.82
C LYS A 859 -11.17 -0.34 18.31
N ASP A 860 -11.89 0.76 18.51
CA ASP A 860 -13.31 0.80 18.13
C ASP A 860 -13.58 1.49 16.81
N SER A 861 -12.54 1.76 16.02
CA SER A 861 -12.72 2.46 14.75
C SER A 861 -13.51 1.64 13.75
N TYR A 862 -14.35 2.31 12.96
CA TYR A 862 -15.07 1.64 11.88
C TYR A 862 -14.18 1.17 10.75
N LEU A 863 -12.95 1.70 10.63
CA LEU A 863 -12.09 1.31 9.53
C LEU A 863 -11.57 -0.11 9.67
N ILE A 864 -11.63 -0.70 10.86
CA ILE A 864 -11.19 -2.09 11.02
C ILE A 864 -12.09 -3.03 10.20
N ASP A 865 -13.40 -2.79 10.25
CA ASP A 865 -14.33 -3.53 9.40
C ASP A 865 -14.06 -3.30 7.93
N TYR A 866 -13.74 -2.06 7.55
CA TYR A 866 -13.37 -1.74 6.17
C TYR A 866 -12.17 -2.53 5.69
N PHE A 867 -11.11 -2.57 6.50
CA PHE A 867 -9.92 -3.32 6.12
C PHE A 867 -10.19 -4.82 6.06
N LEU A 868 -11.05 -5.35 6.96
CA LEU A 868 -11.43 -6.76 6.84
C LEU A 868 -12.18 -7.04 5.55
N PHE A 869 -13.09 -6.14 5.17
CA PHE A 869 -13.83 -6.31 3.94
C PHE A 869 -12.95 -6.16 2.70
N LEU A 870 -11.98 -5.24 2.71
CA LEU A 870 -11.03 -5.15 1.61
C LEU A 870 -10.21 -6.42 1.49
N ASN A 871 -9.76 -6.96 2.62
CA ASN A 871 -8.93 -8.15 2.59
C ASN A 871 -9.69 -9.37 2.11
N ARG A 872 -10.99 -9.44 2.38
CA ARG A 872 -11.73 -10.59 1.90
C ARG A 872 -12.37 -10.41 0.53
N TYR A 873 -12.69 -9.20 0.09
CA TYR A 873 -13.55 -9.08 -1.08
C TYR A 873 -12.96 -8.41 -2.33
N LEU A 874 -11.91 -7.61 -2.26
CA LEU A 874 -11.40 -7.11 -3.54
C LEU A 874 -10.64 -8.18 -4.30
N GLU A 875 -10.72 -8.09 -5.61
CA GLU A 875 -10.03 -9.02 -6.50
C GLU A 875 -8.81 -8.41 -7.19
N VAL A 876 -8.59 -7.11 -7.08
CA VAL A 876 -7.40 -6.48 -7.61
C VAL A 876 -6.79 -5.60 -6.53
N GLY A 877 -5.51 -5.32 -6.69
CA GLY A 877 -4.81 -4.49 -5.75
C GLY A 877 -4.79 -3.07 -6.22
N PRO A 878 -3.93 -2.24 -5.62
CA PRO A 878 -3.81 -0.87 -6.08
C PRO A 878 -3.09 -0.83 -7.41
N PRO A 879 -3.30 0.20 -8.22
CA PRO A 879 -2.53 0.32 -9.45
C PRO A 879 -1.11 0.75 -9.16
N VAL A 880 -0.23 0.41 -10.10
CA VAL A 880 1.16 0.82 -10.08
C VAL A 880 1.46 1.53 -11.40
N TYR A 881 2.17 2.64 -11.31
CA TYR A 881 2.48 3.44 -12.49
C TYR A 881 3.97 3.40 -12.69
N PHE A 882 4.40 2.84 -13.81
CA PHE A 882 5.83 2.84 -14.16
C PHE A 882 6.07 4.15 -14.88
N VAL A 883 6.71 5.08 -14.19
CA VAL A 883 6.87 6.45 -14.66
C VAL A 883 8.26 6.59 -15.26
N THR A 884 8.31 7.10 -16.49
CA THR A 884 9.55 7.41 -17.17
C THR A 884 9.80 8.91 -17.07
N THR A 885 11.02 9.27 -16.65
CA THR A 885 11.47 10.64 -16.50
C THR A 885 11.95 11.20 -17.84
N SER A 886 12.40 12.44 -17.82
CA SER A 886 12.92 13.09 -19.02
C SER A 886 14.23 12.48 -19.46
N GLY A 887 14.58 12.74 -20.71
CA GLY A 887 15.81 12.23 -21.28
C GLY A 887 15.63 11.15 -22.32
N PHE A 888 14.40 10.74 -22.61
CA PHE A 888 14.16 9.65 -23.54
C PHE A 888 13.40 10.22 -24.74
N ASN A 889 13.94 9.99 -25.91
CA ASN A 889 13.39 10.53 -27.16
C ASN A 889 12.30 9.59 -27.65
N PHE A 890 11.05 9.98 -27.45
CA PHE A 890 9.96 9.15 -27.94
C PHE A 890 9.65 9.40 -29.41
N SER A 891 10.29 10.38 -30.04
CA SER A 891 10.04 10.68 -31.44
C SER A 891 10.90 9.85 -32.38
N SER A 892 12.10 9.47 -31.93
CA SER A 892 12.96 8.61 -32.71
C SER A 892 12.35 7.23 -32.89
N GLU A 893 12.54 6.65 -34.08
CA GLU A 893 12.07 5.29 -34.36
C GLU A 893 12.65 4.28 -33.37
N ALA A 894 13.91 4.47 -32.97
CA ALA A 894 14.52 3.63 -31.95
C ALA A 894 13.81 3.79 -30.62
N GLY A 895 13.37 5.01 -30.31
CA GLY A 895 12.61 5.25 -29.09
C GLY A 895 11.25 4.57 -29.10
N MET A 896 10.53 4.67 -30.22
CA MET A 896 9.24 4.01 -30.33
C MET A 896 9.36 2.49 -30.30
N ASN A 897 10.38 1.93 -30.97
CA ASN A 897 10.55 0.47 -30.99
C ASN A 897 10.91 -0.08 -29.62
N ALA A 898 11.58 0.70 -28.79
CA ALA A 898 11.93 0.26 -27.45
C ALA A 898 10.82 0.48 -26.43
N THR A 899 9.63 0.88 -26.86
CA THR A 899 8.49 1.10 -25.98
C THR A 899 7.23 0.38 -26.43
N CYS A 900 6.94 0.37 -27.73
CA CYS A 900 5.73 -0.24 -28.23
C CYS A 900 5.79 -1.76 -28.16
N SER A 901 4.63 -2.39 -28.32
CA SER A 901 4.54 -3.84 -28.30
C SER A 901 3.74 -4.40 -29.47
N SER A 902 3.39 -3.58 -30.45
CA SER A 902 2.69 -4.02 -31.64
C SER A 902 3.66 -4.75 -32.57
N ALA A 903 3.15 -5.19 -33.72
CA ALA A 903 4.00 -5.85 -34.71
C ALA A 903 5.13 -4.93 -35.19
N GLY A 904 6.31 -5.51 -35.35
CA GLY A 904 7.48 -4.76 -35.73
C GLY A 904 8.22 -4.12 -34.57
N CYS A 905 7.70 -4.20 -33.36
CA CYS A 905 8.40 -3.62 -32.23
C CYS A 905 9.48 -4.60 -31.73
N LYS A 906 10.45 -4.06 -31.00
CA LYS A 906 11.52 -4.89 -30.47
C LYS A 906 10.99 -5.83 -29.39
N SER A 907 11.50 -7.07 -29.39
CA SER A 907 11.16 -8.00 -28.33
C SER A 907 11.80 -7.55 -27.02
N PHE A 908 11.17 -7.94 -25.91
CA PHE A 908 11.55 -7.55 -24.56
C PHE A 908 11.49 -6.04 -24.38
N SER A 909 10.47 -5.42 -24.96
CA SER A 909 10.21 -3.99 -24.79
C SER A 909 9.58 -3.74 -23.42
N LEU A 910 9.43 -2.45 -23.09
CA LEU A 910 8.89 -1.99 -21.80
C LEU A 910 7.56 -2.66 -21.46
N THR A 911 6.59 -2.55 -22.37
CA THR A 911 5.28 -3.11 -22.07
C THR A 911 5.24 -4.62 -22.27
N GLN A 912 6.23 -5.18 -22.98
CA GLN A 912 6.31 -6.62 -23.05
C GLN A 912 6.95 -7.19 -21.81
N LYS A 913 7.90 -6.47 -21.22
CA LYS A 913 8.44 -6.87 -19.92
C LYS A 913 7.36 -6.83 -18.86
N ILE A 914 6.49 -5.82 -18.91
CA ILE A 914 5.40 -5.73 -17.94
C ILE A 914 4.39 -6.86 -18.17
N GLN A 915 4.05 -7.15 -19.44
CA GLN A 915 3.18 -8.29 -19.77
C GLN A 915 3.75 -9.62 -19.26
N TYR A 916 5.06 -9.85 -19.49
CA TYR A 916 5.70 -11.06 -19.00
C TYR A 916 5.66 -11.15 -17.48
N ALA A 917 5.93 -10.04 -16.79
CA ALA A 917 5.78 -9.99 -15.33
C ALA A 917 4.34 -10.28 -14.92
N SER A 918 3.38 -9.81 -15.71
CA SER A 918 1.97 -10.05 -15.45
C SER A 918 1.53 -11.48 -15.71
N GLU A 919 2.33 -12.27 -16.41
CA GLU A 919 1.92 -13.66 -16.63
C GLU A 919 2.21 -14.56 -15.44
N PHE A 920 3.00 -14.10 -14.47
CA PHE A 920 3.39 -14.89 -13.31
C PHE A 920 3.12 -14.10 -12.04
N PRO A 921 1.85 -13.87 -11.69
CA PRO A 921 1.51 -12.90 -10.63
C PRO A 921 2.02 -13.25 -9.24
N ASP A 922 2.39 -14.50 -8.98
CA ASP A 922 2.82 -14.84 -7.63
C ASP A 922 4.29 -14.51 -7.37
N GLN A 923 5.12 -14.51 -8.41
CA GLN A 923 6.52 -14.15 -8.25
C GLN A 923 6.75 -12.67 -8.39
N SER A 924 5.91 -11.99 -9.17
CA SER A 924 5.95 -10.55 -9.34
C SER A 924 4.52 -10.07 -9.21
N TYR A 925 4.24 -9.26 -8.19
CA TYR A 925 2.87 -8.97 -7.77
C TYR A 925 2.16 -8.00 -8.71
N VAL A 926 2.08 -8.37 -9.99
CA VAL A 926 1.34 -7.63 -11.00
C VAL A 926 0.33 -8.59 -11.61
N ALA A 927 -0.94 -8.23 -11.53
CA ALA A 927 -2.01 -9.10 -12.02
C ALA A 927 -2.51 -8.71 -13.40
N ILE A 928 -2.54 -7.42 -13.72
CA ILE A 928 -3.13 -6.92 -14.94
C ILE A 928 -2.04 -6.20 -15.74
N ALA A 929 -1.89 -6.60 -17.00
CA ALA A 929 -0.88 -6.03 -17.89
C ALA A 929 -1.09 -4.54 -18.10
N ALA A 930 0.02 -3.84 -18.34
CA ALA A 930 0.02 -2.39 -18.44
C ALA A 930 -0.71 -1.88 -19.68
N SER A 931 -1.34 -0.72 -19.51
CA SER A 931 -1.76 0.08 -20.65
C SER A 931 -0.56 0.85 -21.17
N SER A 932 -0.70 1.45 -22.35
CA SER A 932 0.44 2.12 -22.96
C SER A 932 -0.04 3.14 -23.96
N TRP A 933 0.32 4.41 -23.75
CA TRP A 933 -0.09 5.45 -24.69
C TRP A 933 0.60 5.34 -26.03
N VAL A 934 1.80 4.77 -26.09
CA VAL A 934 2.54 4.68 -27.35
C VAL A 934 1.86 3.74 -28.33
N ASP A 935 1.36 2.59 -27.85
CA ASP A 935 0.75 1.61 -28.75
C ASP A 935 -0.57 2.12 -29.28
N ASP A 936 -1.36 2.76 -28.42
CA ASP A 936 -2.62 3.34 -28.88
C ASP A 936 -2.40 4.55 -29.76
N PHE A 937 -1.34 5.32 -29.53
CA PHE A 937 -1.03 6.43 -30.42
C PHE A 937 -0.68 5.95 -31.82
N ILE A 938 0.21 4.95 -31.91
CA ILE A 938 0.58 4.38 -33.20
C ILE A 938 -0.62 3.76 -33.90
N ASP A 939 -1.45 3.03 -33.13
CA ASP A 939 -2.65 2.42 -33.67
C ASP A 939 -3.66 3.48 -34.12
N TRP A 940 -3.80 4.57 -33.37
CA TRP A 940 -4.67 5.67 -33.74
C TRP A 940 -4.21 6.34 -35.04
N LEU A 941 -2.91 6.52 -35.21
CA LEU A 941 -2.37 7.14 -36.42
C LEU A 941 -2.60 6.33 -37.70
N THR A 942 -2.94 5.04 -37.59
CA THR A 942 -3.04 4.15 -38.73
C THR A 942 -4.06 4.64 -39.77
N PRO A 943 -3.66 4.82 -41.03
CA PRO A 943 -4.58 5.37 -42.03
C PRO A 943 -5.76 4.46 -42.35
N SER A 944 -5.60 3.15 -42.19
CA SER A 944 -6.69 2.22 -42.47
C SER A 944 -7.74 2.21 -41.37
N SER A 945 -7.48 2.85 -40.23
CA SER A 945 -8.38 2.82 -39.09
C SER A 945 -9.40 3.95 -39.12
N SER A 946 -9.24 4.92 -40.03
CA SER A 946 -10.11 6.09 -40.18
C SER A 946 -10.28 6.85 -38.86
N CYS A 947 -9.16 7.09 -38.18
CA CYS A 947 -9.18 7.77 -36.90
C CYS A 947 -8.63 9.18 -36.96
N CYS A 948 -7.51 9.39 -37.64
CA CYS A 948 -6.88 10.71 -37.78
C CYS A 948 -7.14 11.20 -39.20
N ARG A 949 -8.01 12.19 -39.35
CA ARG A 949 -8.39 12.70 -40.66
C ARG A 949 -8.18 14.19 -40.69
N LEU A 950 -7.96 14.73 -41.89
CA LEU A 950 -7.76 16.15 -42.10
C LEU A 950 -8.81 16.69 -43.04
N TYR A 951 -9.15 17.96 -42.85
CA TYR A 951 -10.07 18.63 -43.76
C TYR A 951 -9.43 18.84 -45.12
N ILE A 952 -10.11 18.39 -46.17
CA ILE A 952 -9.58 18.49 -47.52
C ILE A 952 -9.87 19.84 -48.16
N ARG A 953 -10.78 20.63 -47.58
CA ARG A 953 -11.23 21.87 -48.19
C ARG A 953 -11.97 22.68 -47.12
N GLY A 954 -12.31 23.92 -47.49
CA GLY A 954 -13.14 24.76 -46.67
C GLY A 954 -12.43 25.60 -45.63
N PRO A 955 -13.21 26.14 -44.67
CA PRO A 955 -12.67 27.06 -43.65
C PRO A 955 -11.52 26.52 -42.80
N HIS A 956 -11.43 25.21 -42.60
CA HIS A 956 -10.46 24.63 -41.68
C HIS A 956 -9.50 23.71 -42.41
N LYS A 957 -9.03 24.14 -43.59
CA LYS A 957 -8.08 23.40 -44.40
C LYS A 957 -6.81 23.04 -43.63
N ASP A 958 -6.43 21.77 -43.72
CA ASP A 958 -5.26 21.14 -43.10
C ASP A 958 -5.31 21.08 -41.58
N GLU A 959 -6.45 21.36 -40.97
CA GLU A 959 -6.63 21.18 -39.54
C GLU A 959 -7.27 19.82 -39.24
N PHE A 960 -7.16 19.42 -37.98
CA PHE A 960 -7.67 18.14 -37.51
C PHE A 960 -9.18 18.00 -37.71
N CYS A 961 -9.58 16.89 -38.34
CA CYS A 961 -10.97 16.56 -38.53
C CYS A 961 -11.33 15.46 -37.53
N PRO A 962 -12.22 15.73 -36.56
CA PRO A 962 -12.60 14.70 -35.60
C PRO A 962 -13.28 13.51 -36.27
N SER A 963 -13.14 12.34 -35.63
CA SER A 963 -13.78 11.12 -36.11
C SER A 963 -15.30 11.17 -36.03
N THR A 964 -15.88 12.12 -35.31
CA THR A 964 -17.32 12.23 -35.20
C THR A 964 -17.92 13.15 -36.28
N ASP A 965 -17.08 13.72 -37.14
CA ASP A 965 -17.56 14.56 -38.23
C ASP A 965 -17.98 13.65 -39.37
N THR A 966 -19.29 13.65 -39.68
CA THR A 966 -19.84 12.78 -40.70
C THR A 966 -19.95 13.47 -42.05
N SER A 967 -19.34 14.63 -42.21
CA SER A 967 -19.42 15.38 -43.45
C SER A 967 -18.47 14.80 -44.49
N PHE A 968 -18.51 15.38 -45.69
CA PHE A 968 -17.66 14.96 -46.80
C PHE A 968 -16.44 15.85 -46.98
N ASN A 969 -16.02 16.56 -45.93
CA ASN A 969 -14.85 17.41 -46.04
C ASN A 969 -13.57 16.73 -45.54
N CYS A 970 -13.63 15.44 -45.18
CA CYS A 970 -12.50 14.81 -44.50
C CYS A 970 -11.97 13.55 -45.17
N LEU A 971 -11.69 13.59 -46.46
CA LEU A 971 -11.25 12.40 -47.20
C LEU A 971 -9.74 12.19 -47.17
N LYS A 972 -8.98 13.00 -46.45
CA LYS A 972 -7.53 12.85 -46.44
C LYS A 972 -7.10 12.29 -45.09
N ASN A 973 -6.40 11.16 -45.13
CA ASN A 973 -5.90 10.53 -43.92
C ASN A 973 -4.69 11.28 -43.39
N CYS A 974 -4.39 11.06 -42.11
CA CYS A 974 -3.25 11.73 -41.49
C CYS A 974 -1.92 11.28 -42.08
N MET A 975 -1.77 10.00 -42.38
CA MET A 975 -0.53 9.50 -42.94
C MET A 975 -0.81 8.62 -44.15
N ASN A 976 0.25 8.29 -44.89
CA ASN A 976 0.15 7.50 -46.10
C ASN A 976 0.17 6.00 -45.79
N ARG A 977 -0.14 5.21 -46.81
CA ARG A 977 -0.09 3.76 -46.67
C ARG A 977 1.36 3.28 -46.66
N THR A 978 1.59 2.16 -45.98
CA THR A 978 2.96 1.67 -45.79
C THR A 978 2.93 0.16 -45.99
N LEU A 979 4.11 -0.44 -46.18
CA LEU A 979 4.31 -1.85 -46.42
C LEU A 979 4.61 -2.61 -45.13
N GLY A 980 4.63 -1.91 -44.00
CA GLY A 980 4.89 -2.50 -42.71
C GLY A 980 4.14 -1.80 -41.61
N PRO A 981 4.70 -1.80 -40.39
CA PRO A 981 4.10 -1.04 -39.29
C PRO A 981 4.14 0.44 -39.57
N VAL A 982 3.18 1.16 -39.02
CA VAL A 982 3.11 2.60 -39.20
C VAL A 982 3.99 3.28 -38.16
N ARG A 983 4.90 4.12 -38.62
CA ARG A 983 5.77 4.89 -37.75
C ARG A 983 5.86 6.32 -38.28
N PRO A 984 5.48 7.30 -37.49
CA PRO A 984 5.62 8.69 -37.92
C PRO A 984 7.05 9.18 -37.80
N THR A 985 7.32 10.29 -38.47
CA THR A 985 8.58 10.98 -38.29
C THR A 985 8.43 11.93 -37.10
N ALA A 986 9.53 12.61 -36.73
CA ALA A 986 9.54 13.46 -35.54
C ALA A 986 8.58 14.64 -35.69
N GLU A 987 8.53 15.24 -36.88
CA GLU A 987 7.62 16.35 -37.12
C GLU A 987 6.18 15.90 -37.05
N GLN A 988 5.88 14.72 -37.64
CA GLN A 988 4.54 14.16 -37.57
C GLN A 988 4.17 13.77 -36.14
N PHE A 989 5.14 13.22 -35.39
CA PHE A 989 4.91 12.82 -34.00
C PHE A 989 4.53 14.02 -33.15
N HIS A 990 5.34 15.08 -33.21
CA HIS A 990 5.08 16.25 -32.39
C HIS A 990 3.84 17.01 -32.86
N LYS A 991 3.58 17.02 -34.17
CA LYS A 991 2.38 17.69 -34.68
C LYS A 991 1.10 16.97 -34.27
N TYR A 992 1.07 15.63 -34.37
CA TYR A 992 -0.18 14.90 -34.17
C TYR A 992 -0.42 14.44 -32.74
N LEU A 993 0.60 14.32 -31.90
CA LEU A 993 0.39 13.84 -30.52
C LEU A 993 -0.57 14.68 -29.66
N PRO A 994 -0.54 16.02 -29.65
CA PRO A 994 -1.59 16.75 -28.89
C PRO A 994 -3.00 16.56 -29.40
N TRP A 995 -3.17 16.08 -30.63
CA TRP A 995 -4.51 15.80 -31.12
C TRP A 995 -5.01 14.48 -30.59
N PHE A 996 -4.14 13.46 -30.59
CA PHE A 996 -4.44 12.17 -29.99
C PHE A 996 -4.77 12.31 -28.51
N LEU A 997 -3.99 13.09 -27.77
CA LEU A 997 -4.22 13.22 -26.33
C LEU A 997 -5.51 13.96 -25.98
N ASN A 998 -6.21 14.57 -26.94
CA ASN A 998 -7.46 15.26 -26.66
C ASN A 998 -8.64 14.76 -27.49
N ASP A 999 -8.50 13.60 -28.14
CA ASP A 999 -9.57 13.07 -28.98
C ASP A 999 -10.43 12.10 -28.17
N PRO A 1000 -11.70 12.42 -27.91
CA PRO A 1000 -12.56 11.51 -27.14
C PRO A 1000 -12.87 10.24 -27.90
N PRO A 1001 -12.87 9.09 -27.24
CA PRO A 1001 -13.24 7.85 -27.90
C PRO A 1001 -14.74 7.75 -28.13
N ASN A 1002 -15.12 7.09 -29.21
CA ASN A 1002 -16.52 6.91 -29.57
C ASN A 1002 -16.64 5.63 -30.37
N ILE A 1003 -17.87 5.34 -30.84
CA ILE A 1003 -18.13 4.10 -31.57
C ILE A 1003 -17.32 4.02 -32.87
N ARG A 1004 -17.14 5.15 -33.56
CA ARG A 1004 -16.38 5.16 -34.82
C ARG A 1004 -14.90 4.83 -34.58
N CYS A 1005 -14.31 5.39 -33.54
CA CYS A 1005 -12.90 5.11 -33.23
C CYS A 1005 -12.76 4.75 -31.76
N PRO A 1006 -12.48 3.49 -31.43
CA PRO A 1006 -12.37 3.10 -30.03
C PRO A 1006 -11.20 3.72 -29.31
N LYS A 1007 -10.06 3.83 -29.97
CA LYS A 1007 -8.86 4.36 -29.34
C LYS A 1007 -8.88 5.87 -29.32
N GLY A 1008 -8.38 6.43 -28.23
CA GLY A 1008 -8.23 7.85 -28.10
C GLY A 1008 -7.68 8.14 -26.74
N GLY A 1009 -7.05 9.30 -26.61
CA GLY A 1009 -6.34 9.56 -25.38
C GLY A 1009 -6.97 10.52 -24.41
N LEU A 1010 -8.18 11.02 -24.71
CA LEU A 1010 -8.83 11.96 -23.82
C LEU A 1010 -9.10 11.36 -22.45
N ALA A 1011 -9.55 10.12 -22.41
CA ALA A 1011 -9.87 9.52 -21.13
C ALA A 1011 -8.71 8.76 -20.52
N ALA A 1012 -8.07 7.91 -21.30
CA ALA A 1012 -7.09 7.00 -20.74
C ALA A 1012 -5.70 7.60 -20.61
N TYR A 1013 -5.32 8.54 -21.47
CA TYR A 1013 -3.92 8.96 -21.57
C TYR A 1013 -3.67 10.45 -21.42
N ARG A 1014 -4.71 11.29 -21.34
CA ARG A 1014 -4.53 12.74 -21.25
C ARG A 1014 -3.67 13.14 -20.06
N THR A 1015 -3.83 12.47 -18.93
CA THR A 1015 -3.04 12.80 -17.75
C THR A 1015 -1.75 12.00 -17.66
N SER A 1016 -1.50 11.08 -18.59
CA SER A 1016 -0.31 10.24 -18.51
C SER A 1016 0.86 10.74 -19.34
N VAL A 1017 0.71 11.83 -20.09
CA VAL A 1017 1.80 12.38 -20.88
C VAL A 1017 1.94 13.86 -20.53
N ASN A 1018 3.16 14.29 -20.25
CA ASN A 1018 3.45 15.69 -19.96
C ASN A 1018 4.18 16.27 -21.16
N LEU A 1019 3.59 17.30 -21.75
CA LEU A 1019 4.09 17.92 -22.97
C LEU A 1019 4.53 19.35 -22.68
N SER A 1020 5.80 19.63 -22.90
CA SER A 1020 6.26 21.01 -22.91
C SER A 1020 5.89 21.67 -24.23
N SER A 1021 5.68 23.00 -24.17
CA SER A 1021 5.14 23.87 -25.21
C SER A 1021 5.76 23.72 -26.60
N ASP A 1022 6.94 23.12 -26.72
CA ASP A 1022 7.47 22.75 -28.02
C ASP A 1022 7.04 21.34 -28.39
N GLY A 1023 6.11 20.77 -27.63
CA GLY A 1023 5.61 19.44 -27.87
C GLY A 1023 6.49 18.33 -27.39
N GLN A 1024 7.37 18.59 -26.41
CA GLN A 1024 8.28 17.53 -26.01
C GLN A 1024 7.68 16.73 -24.87
N VAL A 1025 8.03 15.45 -24.80
CA VAL A 1025 7.59 14.61 -23.69
C VAL A 1025 8.59 14.80 -22.56
N ILE A 1026 8.11 15.26 -21.41
CA ILE A 1026 8.94 15.38 -20.22
C ILE A 1026 8.79 14.16 -19.33
N ALA A 1027 7.58 13.66 -19.17
CA ALA A 1027 7.38 12.51 -18.30
C ALA A 1027 6.22 11.71 -18.84
N SER A 1028 6.20 10.42 -18.51
CA SER A 1028 5.17 9.55 -19.05
C SER A 1028 4.95 8.40 -18.07
N GLN A 1029 3.74 7.86 -18.02
CA GLN A 1029 3.50 6.75 -17.11
C GLN A 1029 2.72 5.63 -17.78
N PHE A 1030 2.99 4.42 -17.32
CA PHE A 1030 2.31 3.22 -17.80
C PHE A 1030 1.60 2.58 -16.61
N MET A 1031 0.28 2.61 -16.62
CA MET A 1031 -0.53 2.09 -15.53
C MET A 1031 -0.74 0.58 -15.64
N ALA A 1032 -0.61 -0.11 -14.52
CA ALA A 1032 -0.90 -1.54 -14.43
C ALA A 1032 -1.50 -1.79 -13.06
N TYR A 1033 -2.04 -2.98 -12.84
CA TYR A 1033 -2.64 -3.29 -11.54
C TYR A 1033 -1.88 -4.40 -10.84
N HIS A 1034 -1.76 -4.25 -9.54
CA HIS A 1034 -1.19 -5.30 -8.70
C HIS A 1034 -2.24 -6.38 -8.45
N LYS A 1035 -1.76 -7.55 -8.01
CA LYS A 1035 -2.66 -8.54 -7.45
C LYS A 1035 -3.09 -8.03 -6.08
N PRO A 1036 -4.20 -8.54 -5.51
CA PRO A 1036 -4.63 -8.03 -4.21
C PRO A 1036 -3.60 -8.24 -3.12
N LEU A 1037 -3.36 -7.19 -2.35
CA LEU A 1037 -2.36 -7.18 -1.31
C LEU A 1037 -3.08 -7.06 0.01
N ARG A 1038 -2.71 -7.90 0.97
CA ARG A 1038 -3.45 -7.99 2.22
C ARG A 1038 -2.62 -7.76 3.46
N ASN A 1039 -1.40 -8.29 3.50
CA ASN A 1039 -0.55 -8.15 4.67
C ASN A 1039 0.49 -7.08 4.41
N SER A 1040 1.27 -6.76 5.44
CA SER A 1040 2.43 -5.91 5.23
C SER A 1040 3.48 -6.61 4.40
N GLN A 1041 3.58 -7.93 4.52
CA GLN A 1041 4.51 -8.69 3.69
C GLN A 1041 4.14 -8.63 2.22
N ASP A 1042 2.85 -8.52 1.90
CA ASP A 1042 2.47 -8.45 0.50
C ASP A 1042 2.77 -7.08 -0.09
N PHE A 1043 2.58 -6.02 0.68
CA PHE A 1043 2.95 -4.69 0.20
C PHE A 1043 4.46 -4.56 0.05
N THR A 1044 5.21 -5.12 1.00
CA THR A 1044 6.67 -5.04 0.93
C THR A 1044 7.24 -5.84 -0.24
N GLU A 1045 6.76 -7.09 -0.41
CA GLU A 1045 7.22 -7.92 -1.51
C GLU A 1045 6.78 -7.36 -2.86
N ALA A 1046 5.58 -6.78 -2.92
CA ALA A 1046 5.11 -6.12 -4.13
C ALA A 1046 6.01 -4.94 -4.49
N LEU A 1047 6.44 -4.19 -3.49
CA LEU A 1047 7.38 -3.09 -3.71
C LEU A 1047 8.72 -3.58 -4.22
N ARG A 1048 9.25 -4.65 -3.62
CA ARG A 1048 10.55 -5.18 -4.06
C ARG A 1048 10.49 -5.71 -5.49
N ALA A 1049 9.48 -6.51 -5.82
CA ALA A 1049 9.37 -7.07 -7.16
C ALA A 1049 9.11 -5.99 -8.19
N SER A 1050 8.28 -5.00 -7.85
CA SER A 1050 7.99 -3.92 -8.77
C SER A 1050 9.21 -3.03 -9.02
N ARG A 1051 10.00 -2.76 -7.97
CA ARG A 1051 11.24 -2.01 -8.14
C ARG A 1051 12.26 -2.77 -8.96
N LEU A 1052 12.34 -4.08 -8.77
CA LEU A 1052 13.25 -4.90 -9.55
C LEU A 1052 12.87 -4.89 -11.03
N LEU A 1053 11.57 -4.98 -11.32
CA LEU A 1053 11.09 -4.88 -12.69
C LEU A 1053 11.39 -3.51 -13.30
N ALA A 1054 11.21 -2.44 -12.53
CA ALA A 1054 11.48 -1.11 -13.09
C ALA A 1054 12.98 -0.87 -13.29
N ALA A 1055 13.84 -1.46 -12.45
CA ALA A 1055 15.27 -1.37 -12.69
C ALA A 1055 15.68 -2.16 -13.93
N ASN A 1056 15.05 -3.33 -14.12
CA ASN A 1056 15.31 -4.13 -15.32
C ASN A 1056 14.87 -3.41 -16.59
N ILE A 1057 13.76 -2.67 -16.51
CA ILE A 1057 13.32 -1.88 -17.65
C ILE A 1057 14.27 -0.71 -17.90
N THR A 1058 14.72 -0.06 -16.82
CA THR A 1058 15.57 1.12 -16.92
C THR A 1058 16.92 0.80 -17.55
N ALA A 1059 17.51 -0.34 -17.16
CA ALA A 1059 18.82 -0.71 -17.67
C ALA A 1059 18.80 -0.96 -19.17
N ASP A 1060 17.75 -1.59 -19.68
CA ASP A 1060 17.67 -1.82 -21.11
C ASP A 1060 17.23 -0.58 -21.89
N LEU A 1061 16.41 0.29 -21.30
CA LEU A 1061 16.08 1.54 -21.98
C LEU A 1061 17.28 2.46 -22.10
N ARG A 1062 18.21 2.42 -21.13
CA ARG A 1062 19.42 3.24 -21.24
C ARG A 1062 20.35 2.85 -22.38
N LYS A 1063 20.15 1.69 -23.02
CA LYS A 1063 21.01 1.29 -24.12
C LYS A 1063 20.56 1.87 -25.46
N VAL A 1064 19.46 2.60 -25.48
CA VAL A 1064 19.01 3.25 -26.72
C VAL A 1064 19.83 4.53 -26.92
N PRO A 1065 20.45 4.71 -28.08
CA PRO A 1065 21.29 5.90 -28.34
C PRO A 1065 20.53 7.21 -28.16
N GLY A 1066 21.19 8.16 -27.50
CA GLY A 1066 20.63 9.45 -27.19
C GLY A 1066 20.02 9.56 -25.81
N THR A 1067 19.77 8.43 -25.15
CA THR A 1067 19.18 8.44 -23.81
C THR A 1067 20.11 9.10 -22.80
N ASP A 1068 19.55 10.03 -22.03
CA ASP A 1068 20.29 10.72 -20.98
C ASP A 1068 20.80 9.74 -19.93
N PRO A 1069 22.01 9.94 -19.40
CA PRO A 1069 22.50 9.07 -18.32
C PRO A 1069 21.67 9.08 -17.04
N ASN A 1070 20.79 10.06 -16.83
CA ASN A 1070 19.97 10.12 -15.63
C ASN A 1070 18.49 9.96 -15.98
N PHE A 1071 18.23 9.07 -16.93
CA PHE A 1071 16.88 8.64 -17.24
C PHE A 1071 16.57 7.41 -16.41
N GLU A 1072 15.40 7.39 -15.78
CA GLU A 1072 15.03 6.22 -15.02
C GLU A 1072 13.53 5.99 -15.08
N VAL A 1073 13.13 4.78 -14.74
CA VAL A 1073 11.74 4.38 -14.61
C VAL A 1073 11.51 4.02 -13.16
N PHE A 1074 10.46 4.55 -12.57
CA PHE A 1074 10.21 4.20 -11.18
C PHE A 1074 8.75 3.82 -10.98
N PRO A 1075 8.48 2.87 -10.10
CA PRO A 1075 7.12 2.39 -9.83
C PRO A 1075 6.27 3.06 -8.75
N TYR A 1076 5.63 4.18 -9.07
CA TYR A 1076 4.83 4.85 -8.06
C TYR A 1076 3.52 4.11 -7.79
N THR A 1077 3.20 3.97 -6.51
CA THR A 1077 1.89 3.57 -6.04
C THR A 1077 1.74 4.15 -4.63
N ILE A 1078 0.49 4.40 -4.22
CA ILE A 1078 0.24 5.18 -3.01
C ILE A 1078 0.72 4.52 -1.73
N SER A 1079 0.88 3.20 -1.72
CA SER A 1079 1.28 2.53 -0.50
C SER A 1079 2.77 2.53 -0.25
N ASN A 1080 3.59 2.94 -1.23
CA ASN A 1080 5.04 2.83 -1.12
C ASN A 1080 5.63 3.67 0.00
N VAL A 1081 5.06 4.86 0.26
CA VAL A 1081 5.62 5.72 1.29
C VAL A 1081 5.41 5.19 2.69
N PHE A 1082 4.59 4.16 2.86
CA PHE A 1082 4.38 3.57 4.18
C PHE A 1082 5.21 2.32 4.38
N TYR A 1083 5.46 1.57 3.30
CA TYR A 1083 6.10 0.27 3.38
C TYR A 1083 7.52 0.23 2.86
N GLN A 1084 8.06 1.36 2.36
CA GLN A 1084 9.45 1.37 1.92
C GLN A 1084 10.42 1.03 3.05
N GLN A 1085 10.15 1.54 4.25
CA GLN A 1085 11.04 1.39 5.39
C GLN A 1085 11.23 -0.06 5.84
N TYR A 1086 10.36 -0.97 5.46
CA TYR A 1086 10.51 -2.35 5.91
C TYR A 1086 11.47 -3.14 5.05
N LEU A 1087 12.06 -2.53 4.03
CA LEU A 1087 13.09 -3.19 3.24
C LEU A 1087 14.45 -3.11 3.90
N THR A 1088 14.67 -2.15 4.79
CA THR A 1088 15.96 -1.91 5.42
C THR A 1088 15.92 -1.96 6.95
N VAL A 1089 14.74 -2.14 7.55
CA VAL A 1089 14.56 -2.01 9.00
C VAL A 1089 15.43 -2.97 9.80
N LEU A 1090 15.75 -4.17 9.27
CA LEU A 1090 16.62 -5.07 10.02
C LEU A 1090 18.09 -4.65 10.05
N PRO A 1091 18.79 -4.34 8.93
CA PRO A 1091 20.17 -3.81 9.06
C PRO A 1091 20.27 -2.56 9.88
N GLU A 1092 19.29 -1.65 9.75
CA GLU A 1092 19.30 -0.41 10.49
C GLU A 1092 19.07 -0.68 11.97
N GLY A 1093 18.16 -1.59 12.29
CA GLY A 1093 17.91 -1.94 13.67
C GLY A 1093 19.09 -2.58 14.37
N ILE A 1094 19.76 -3.52 13.69
CA ILE A 1094 20.93 -4.19 14.28
C ILE A 1094 22.08 -3.20 14.47
N PHE A 1095 22.36 -2.40 13.44
CA PHE A 1095 23.40 -1.37 13.53
C PHE A 1095 23.11 -0.37 14.63
N THR A 1096 21.86 0.09 14.75
CA THR A 1096 21.45 1.01 15.81
C THR A 1096 21.61 0.39 17.19
N LEU A 1097 21.25 -0.88 17.34
CA LEU A 1097 21.43 -1.54 18.65
C LEU A 1097 22.90 -1.68 19.02
N ALA A 1098 23.76 -2.03 18.07
CA ALA A 1098 25.20 -2.08 18.34
C ALA A 1098 25.75 -0.71 18.71
N LEU A 1099 25.30 0.34 18.02
CA LEU A 1099 25.65 1.70 18.41
C LEU A 1099 25.12 2.05 19.78
N CYS A 1100 23.98 1.49 20.19
CA CYS A 1100 23.51 1.73 21.55
C CYS A 1100 24.39 1.03 22.56
N PHE A 1101 24.88 -0.17 22.23
CA PHE A 1101 25.70 -0.93 23.18
C PHE A 1101 27.08 -0.33 23.40
N VAL A 1102 27.69 0.31 22.40
CA VAL A 1102 29.09 0.72 22.58
C VAL A 1102 29.31 1.85 23.60
N PRO A 1103 28.72 3.07 23.50
CA PRO A 1103 28.98 4.06 24.55
C PRO A 1103 28.39 3.73 25.89
N THR A 1104 27.37 2.86 25.96
CA THR A 1104 26.88 2.37 27.24
C THR A 1104 27.99 1.65 28.00
N PHE A 1105 28.68 0.72 27.31
CA PHE A 1105 29.86 0.07 27.87
C PHE A 1105 30.94 1.09 28.20
N VAL A 1106 31.17 2.05 27.31
CA VAL A 1106 32.24 3.04 27.54
C VAL A 1106 31.98 3.87 28.79
N VAL A 1107 30.75 4.36 28.97
CA VAL A 1107 30.44 5.18 30.13
C VAL A 1107 30.44 4.35 31.41
N CYS A 1108 29.92 3.12 31.40
CA CYS A 1108 29.95 2.34 32.63
C CYS A 1108 31.36 1.87 32.97
N TYR A 1109 32.20 1.60 31.97
CA TYR A 1109 33.58 1.24 32.22
C TYR A 1109 34.36 2.42 32.79
N LEU A 1110 34.30 3.57 32.12
CA LEU A 1110 35.10 4.72 32.50
C LEU A 1110 34.64 5.33 33.81
N LEU A 1111 33.33 5.52 33.97
CA LEU A 1111 32.82 6.19 35.17
C LEU A 1111 33.02 5.36 36.43
N LEU A 1112 32.82 4.04 36.34
CA LEU A 1112 32.89 3.20 37.54
C LEU A 1112 34.30 2.83 37.98
N GLY A 1113 35.35 3.37 37.38
CA GLY A 1113 36.69 3.11 37.82
C GLY A 1113 37.56 2.19 36.98
N LEU A 1114 37.20 1.96 35.71
CA LEU A 1114 38.00 1.19 34.74
C LEU A 1114 38.18 -0.27 35.14
N ASP A 1115 37.15 -0.87 35.72
CA ASP A 1115 37.16 -2.30 36.01
C ASP A 1115 36.52 -3.05 34.84
N MET A 1116 37.35 -3.82 34.11
CA MET A 1116 36.89 -4.55 32.93
C MET A 1116 35.87 -5.62 33.29
N CYS A 1117 36.02 -6.23 34.48
CA CYS A 1117 35.14 -7.30 34.93
C CYS A 1117 33.71 -6.79 35.13
N SER A 1118 33.58 -5.67 35.83
CA SER A 1118 32.28 -5.02 36.07
C SER A 1118 31.60 -4.60 34.76
N GLY A 1119 32.38 -4.02 33.84
CA GLY A 1119 31.85 -3.64 32.54
C GLY A 1119 31.29 -4.81 31.76
N ILE A 1120 32.05 -5.91 31.70
CA ILE A 1120 31.59 -7.11 31.00
C ILE A 1120 30.32 -7.66 31.65
N LEU A 1121 30.26 -7.63 32.99
CA LEU A 1121 29.06 -8.09 33.70
C LEU A 1121 27.82 -7.28 33.33
N ASN A 1122 27.96 -5.95 33.27
CA ASN A 1122 26.83 -5.10 32.93
C ASN A 1122 26.40 -5.32 31.48
N LEU A 1123 27.38 -5.36 30.57
CA LEU A 1123 27.10 -5.53 29.15
C LEU A 1123 26.41 -6.86 28.87
N LEU A 1124 26.88 -7.94 29.51
CA LEU A 1124 26.26 -9.24 29.36
C LEU A 1124 24.83 -9.25 29.89
N SER A 1125 24.58 -8.59 31.03
CA SER A 1125 23.22 -8.51 31.55
C SER A 1125 22.29 -7.74 30.61
N ILE A 1126 22.78 -6.64 30.02
CA ILE A 1126 21.95 -5.87 29.08
C ILE A 1126 21.63 -6.71 27.85
N ILE A 1127 22.61 -7.48 27.36
CA ILE A 1127 22.39 -8.38 26.22
C ILE A 1127 21.32 -9.43 26.54
N MET A 1128 21.41 -10.04 27.72
CA MET A 1128 20.41 -11.03 28.11
C MET A 1128 19.00 -10.45 28.22
N ILE A 1129 18.88 -9.24 28.79
CA ILE A 1129 17.58 -8.59 28.91
C ILE A 1129 17.00 -8.29 27.52
N LEU A 1130 17.83 -7.76 26.63
CA LEU A 1130 17.39 -7.43 25.28
C LEU A 1130 16.96 -8.67 24.48
N VAL A 1131 17.73 -9.75 24.56
CA VAL A 1131 17.39 -10.99 23.86
C VAL A 1131 16.10 -11.59 24.41
N ASP A 1132 15.93 -11.61 25.74
CA ASP A 1132 14.69 -12.09 26.34
C ASP A 1132 13.49 -11.25 25.89
N THR A 1133 13.68 -9.92 25.80
CA THR A 1133 12.63 -9.03 25.35
C THR A 1133 12.22 -9.32 23.91
N ILE A 1134 13.20 -9.47 23.02
CA ILE A 1134 12.92 -9.74 21.61
C ILE A 1134 12.22 -11.08 21.44
N GLY A 1135 12.69 -12.11 22.15
CA GLY A 1135 12.06 -13.43 22.08
C GLY A 1135 10.60 -13.43 22.51
N LEU A 1136 10.33 -12.90 23.71
CA LEU A 1136 8.95 -12.86 24.18
C LEU A 1136 8.08 -11.93 23.35
N MET A 1137 8.66 -10.85 22.81
CA MET A 1137 7.97 -9.99 21.85
C MET A 1137 7.52 -10.78 20.63
N ALA A 1138 8.43 -11.58 20.06
CA ALA A 1138 8.12 -12.41 18.91
C ALA A 1138 7.03 -13.43 19.23
N VAL A 1139 7.03 -13.97 20.45
CA VAL A 1139 6.01 -14.95 20.83
C VAL A 1139 4.64 -14.29 20.96
N TRP A 1140 4.58 -13.16 21.68
CA TRP A 1140 3.31 -12.47 21.96
C TRP A 1140 2.55 -12.09 20.69
N GLY A 1141 3.26 -11.66 19.65
CA GLY A 1141 2.60 -11.31 18.43
C GLY A 1141 2.77 -9.85 18.10
N ILE A 1142 3.87 -9.29 18.57
CA ILE A 1142 4.24 -7.91 18.30
C ILE A 1142 5.25 -7.92 17.16
N SER A 1143 4.91 -7.28 16.06
CA SER A 1143 5.76 -7.28 14.89
C SER A 1143 6.95 -6.34 15.09
N TYR A 1144 7.96 -6.52 14.26
CA TYR A 1144 9.16 -5.72 14.30
C TYR A 1144 9.09 -4.60 13.26
N ASN A 1145 9.35 -3.37 13.70
CA ASN A 1145 9.28 -2.17 12.88
C ASN A 1145 10.01 -1.06 13.61
N ALA A 1146 9.91 0.17 13.09
CA ALA A 1146 10.58 1.32 13.71
C ALA A 1146 10.11 1.59 15.14
N VAL A 1147 8.83 1.35 15.43
CA VAL A 1147 8.31 1.65 16.76
C VAL A 1147 8.82 0.62 17.78
N SER A 1148 8.78 -0.66 17.42
CA SER A 1148 9.40 -1.69 18.24
C SER A 1148 10.90 -1.48 18.36
N LEU A 1149 11.53 -0.96 17.31
CA LEU A 1149 12.96 -0.66 17.38
C LEU A 1149 13.27 0.41 18.42
N ILE A 1150 12.51 1.51 18.42
CA ILE A 1150 12.77 2.55 19.41
C ILE A 1150 12.45 2.04 20.82
N ASN A 1151 11.50 1.10 20.96
CA ASN A 1151 11.28 0.53 22.29
C ASN A 1151 12.40 -0.41 22.72
N LEU A 1152 13.04 -1.11 21.78
CA LEU A 1152 14.18 -1.95 22.16
C LEU A 1152 15.41 -1.10 22.49
N VAL A 1153 15.56 0.03 21.80
CA VAL A 1153 16.59 1.00 22.15
C VAL A 1153 16.34 1.56 23.56
N THR A 1154 15.08 1.84 23.87
CA THR A 1154 14.67 2.21 25.22
C THR A 1154 15.02 1.12 26.24
N ALA A 1155 14.84 -0.15 25.86
CA ALA A 1155 15.23 -1.27 26.73
C ALA A 1155 16.72 -1.26 27.06
N VAL A 1156 17.56 -1.04 26.04
CA VAL A 1156 19.00 -1.00 26.22
C VAL A 1156 19.39 0.14 27.15
N GLY A 1157 18.78 1.30 26.97
CA GLY A 1157 19.02 2.41 27.88
C GLY A 1157 18.53 2.15 29.29
N MET A 1158 17.24 1.81 29.42
CA MET A 1158 16.56 1.67 30.71
C MET A 1158 17.15 0.59 31.60
N SER A 1159 17.56 -0.56 31.03
CA SER A 1159 18.07 -1.68 31.82
C SER A 1159 19.33 -1.37 32.62
N VAL A 1160 20.05 -0.31 32.26
CA VAL A 1160 21.18 0.18 33.03
C VAL A 1160 20.74 0.55 34.44
N GLU A 1161 19.54 1.11 34.58
CA GLU A 1161 18.98 1.43 35.90
C GLU A 1161 18.79 0.19 36.77
N PHE A 1162 18.57 -0.97 36.16
CA PHE A 1162 18.42 -2.18 36.95
C PHE A 1162 19.73 -2.88 37.23
N VAL A 1163 20.75 -2.66 36.41
CA VAL A 1163 22.00 -3.41 36.55
C VAL A 1163 23.09 -2.62 37.26
N SER A 1164 23.30 -1.36 36.85
CA SER A 1164 24.46 -0.57 37.25
C SER A 1164 24.52 -0.28 38.74
N HIS A 1165 23.36 -0.03 39.38
CA HIS A 1165 23.36 0.31 40.80
C HIS A 1165 23.82 -0.86 41.66
N ILE A 1166 23.32 -2.05 41.34
CA ILE A 1166 23.69 -3.27 42.06
C ILE A 1166 25.16 -3.58 41.83
N THR A 1167 25.60 -3.44 40.58
CA THR A 1167 26.98 -3.75 40.23
C THR A 1167 27.96 -2.80 40.92
N ARG A 1168 27.67 -1.49 40.93
CA ARG A 1168 28.53 -0.54 41.64
C ARG A 1168 28.56 -0.80 43.14
N SER A 1169 27.39 -1.10 43.73
CA SER A 1169 27.33 -1.43 45.15
C SER A 1169 28.20 -2.64 45.49
N PHE A 1170 28.19 -3.66 44.63
CA PHE A 1170 29.12 -4.78 44.80
C PHE A 1170 30.56 -4.32 44.70
N ALA A 1171 30.88 -3.52 43.68
CA ALA A 1171 32.26 -3.09 43.45
C ALA A 1171 32.79 -2.23 44.58
N VAL A 1172 31.99 -1.28 45.07
CA VAL A 1172 32.43 -0.40 46.17
C VAL A 1172 32.00 -1.09 47.45
N SER A 1173 32.81 -2.06 47.88
CA SER A 1173 32.53 -2.84 49.07
C SER A 1173 33.84 -3.37 49.63
N THR A 1174 33.94 -3.40 50.95
CA THR A 1174 35.17 -3.80 51.62
C THR A 1174 35.11 -5.19 52.23
N LYS A 1175 34.02 -5.93 52.04
CA LYS A 1175 33.93 -7.28 52.58
C LYS A 1175 34.94 -8.20 51.88
N PRO A 1176 35.62 -9.07 52.64
CA PRO A 1176 36.75 -9.84 52.07
C PRO A 1176 36.38 -10.86 51.01
N THR A 1177 35.14 -11.34 50.94
CA THR A 1177 34.80 -12.42 50.01
C THR A 1177 33.69 -12.00 49.06
N ARG A 1178 33.58 -12.73 47.95
CA ARG A 1178 32.54 -12.44 46.95
C ARG A 1178 31.15 -12.68 47.50
N LEU A 1179 30.97 -13.70 48.33
CA LEU A 1179 29.64 -14.02 48.86
C LEU A 1179 29.14 -12.95 49.80
N GLU A 1180 30.02 -12.44 50.68
CA GLU A 1180 29.63 -11.38 51.61
C GLU A 1180 29.32 -10.08 50.87
N ARG A 1181 30.09 -9.77 49.82
CA ARG A 1181 29.80 -8.58 49.03
C ARG A 1181 28.49 -8.72 48.26
N ALA A 1182 28.22 -9.91 47.73
CA ALA A 1182 26.93 -10.14 47.07
C ALA A 1182 25.78 -9.98 48.06
N LYS A 1183 25.95 -10.46 49.30
CA LYS A 1183 24.92 -10.32 50.32
C LYS A 1183 24.66 -8.86 50.69
N ASP A 1184 25.72 -8.10 50.99
CA ASP A 1184 25.48 -6.73 51.44
C ASP A 1184 25.03 -5.82 50.30
N ALA A 1185 25.60 -6.01 49.10
CA ALA A 1185 25.15 -5.25 47.94
C ALA A 1185 23.70 -5.57 47.61
N THR A 1186 23.33 -6.85 47.72
CA THR A 1186 21.96 -7.28 47.46
C THR A 1186 20.99 -6.65 48.43
N VAL A 1187 21.31 -6.63 49.73
CA VAL A 1187 20.32 -6.11 50.68
C VAL A 1187 20.17 -4.59 50.51
N PHE A 1188 21.27 -3.84 50.52
CA PHE A 1188 21.14 -2.38 50.52
C PHE A 1188 20.68 -1.87 49.16
N MET A 1189 21.42 -2.19 48.11
CA MET A 1189 21.06 -1.61 46.83
C MET A 1189 19.90 -2.36 46.19
N GLY A 1190 19.79 -3.68 46.39
CA GLY A 1190 18.59 -4.40 45.95
C GLY A 1190 17.31 -3.81 46.49
N SER A 1191 17.27 -3.47 47.78
CA SER A 1191 16.07 -2.85 48.32
C SER A 1191 15.84 -1.47 47.70
N ALA A 1192 16.91 -0.69 47.51
CA ALA A 1192 16.76 0.62 46.89
C ALA A 1192 16.32 0.52 45.42
N VAL A 1193 16.89 -0.41 44.66
CA VAL A 1193 16.57 -0.59 43.24
C VAL A 1193 15.15 -1.09 43.07
N PHE A 1194 14.75 -2.10 43.85
CA PHE A 1194 13.40 -2.62 43.78
C PHE A 1194 12.37 -1.54 44.05
N ALA A 1195 12.41 -0.98 45.28
CA ALA A 1195 11.44 0.02 45.72
C ALA A 1195 11.45 1.27 44.87
N GLY A 1196 12.60 1.65 44.31
CA GLY A 1196 12.60 2.81 43.46
C GLY A 1196 12.21 2.50 42.03
N VAL A 1197 13.07 1.76 41.32
CA VAL A 1197 12.96 1.64 39.88
C VAL A 1197 11.72 0.85 39.48
N ALA A 1198 11.49 -0.33 40.09
CA ALA A 1198 10.39 -1.18 39.65
C ALA A 1198 9.04 -0.53 39.94
N MET A 1199 8.83 -0.15 41.20
CA MET A 1199 7.56 0.40 41.61
C MET A 1199 7.30 1.78 41.02
N THR A 1200 8.34 2.54 40.65
CA THR A 1200 8.07 3.75 39.88
C THR A 1200 7.68 3.41 38.44
N ASN A 1201 8.34 2.42 37.82
CA ASN A 1201 8.02 2.06 36.43
C ASN A 1201 6.59 1.60 36.24
N PHE A 1202 6.02 0.90 37.24
CA PHE A 1202 4.70 0.31 37.02
C PHE A 1202 3.54 1.31 36.77
N PRO A 1203 3.28 2.34 37.61
CA PRO A 1203 2.18 3.28 37.28
C PRO A 1203 2.27 3.95 35.92
N GLY A 1204 3.47 4.31 35.47
CA GLY A 1204 3.66 4.89 34.16
C GLY A 1204 3.28 3.96 33.04
N ILE A 1205 4.00 2.83 32.96
CA ILE A 1205 3.86 1.88 31.87
C ILE A 1205 2.48 1.22 31.88
N LEU A 1206 2.02 0.74 33.04
CA LEU A 1206 0.76 0.01 33.10
C LEU A 1206 -0.45 0.85 32.73
N ILE A 1207 -0.42 2.16 32.98
CA ILE A 1207 -1.58 3.00 32.67
C ILE A 1207 -1.83 3.11 31.17
N LEU A 1208 -0.85 2.78 30.33
CA LEU A 1208 -1.06 2.81 28.89
C LEU A 1208 -1.91 1.65 28.39
N GLY A 1209 -2.29 0.71 29.25
CA GLY A 1209 -3.18 -0.37 28.89
C GLY A 1209 -4.62 0.03 28.65
N PHE A 1210 -4.96 1.28 28.88
CA PHE A 1210 -6.28 1.84 28.62
C PHE A 1210 -6.25 2.84 27.46
N ALA A 1211 -5.20 2.76 26.62
CA ALA A 1211 -4.94 3.77 25.60
C ALA A 1211 -6.03 3.86 24.55
N GLN A 1212 -6.61 2.73 24.15
CA GLN A 1212 -7.59 2.57 23.08
C GLN A 1212 -7.05 2.95 21.70
N ALA A 1213 -5.76 3.20 21.56
CA ALA A 1213 -5.08 3.36 20.28
C ALA A 1213 -4.09 2.22 20.19
N GLN A 1214 -4.27 1.33 19.21
CA GLN A 1214 -3.55 0.06 19.19
C GLN A 1214 -2.03 0.20 19.10
N LEU A 1215 -1.51 1.29 18.53
CA LEU A 1215 -0.05 1.49 18.53
C LEU A 1215 0.52 1.60 19.94
N ILE A 1216 -0.23 2.19 20.85
CA ILE A 1216 0.25 2.37 22.22
C ILE A 1216 -0.05 1.11 23.04
N GLN A 1217 -1.24 0.56 22.86
CA GLN A 1217 -1.62 -0.69 23.50
C GLN A 1217 -0.68 -1.84 23.15
N ILE A 1218 -0.18 -1.88 21.92
CA ILE A 1218 0.63 -3.00 21.46
C ILE A 1218 2.11 -2.72 21.56
N PHE A 1219 2.57 -1.57 21.07
CA PHE A 1219 4.01 -1.37 20.95
C PHE A 1219 4.64 -0.64 22.11
N PHE A 1220 3.90 0.15 22.87
CA PHE A 1220 4.49 0.86 24.00
C PHE A 1220 4.15 0.23 25.34
N PHE A 1221 2.88 -0.08 25.58
CA PHE A 1221 2.49 -0.74 26.82
C PHE A 1221 3.13 -2.12 26.96
N ARG A 1222 2.94 -2.98 25.97
CA ARG A 1222 3.36 -4.38 26.07
C ARG A 1222 4.88 -4.51 26.11
N LEU A 1223 5.60 -3.73 25.31
CA LEU A 1223 7.05 -3.86 25.30
C LEU A 1223 7.67 -3.29 26.56
N ASN A 1224 7.25 -2.10 26.99
CA ASN A 1224 7.80 -1.53 28.23
C ASN A 1224 7.43 -2.35 29.45
N LEU A 1225 6.26 -3.01 29.44
CA LEU A 1225 5.90 -3.90 30.53
C LEU A 1225 6.83 -5.11 30.58
N LEU A 1226 7.06 -5.72 29.42
CA LEU A 1226 7.97 -6.85 29.31
C LEU A 1226 9.39 -6.48 29.70
N ILE A 1227 9.83 -5.28 29.31
CA ILE A 1227 11.16 -4.77 29.65
C ILE A 1227 11.29 -4.59 31.16
N THR A 1228 10.30 -3.97 31.79
CA THR A 1228 10.33 -3.77 33.24
C THR A 1228 10.39 -5.09 34.01
N LEU A 1229 9.55 -6.06 33.62
CA LEU A 1229 9.54 -7.33 34.33
C LEU A 1229 10.84 -8.10 34.12
N LEU A 1230 11.37 -8.13 32.90
CA LEU A 1230 12.66 -8.78 32.66
C LEU A 1230 13.80 -8.05 33.36
N GLY A 1231 13.74 -6.72 33.39
CA GLY A 1231 14.71 -5.94 34.14
C GLY A 1231 14.74 -6.29 35.61
N LEU A 1232 13.56 -6.38 36.23
CA LEU A 1232 13.47 -6.73 37.65
C LEU A 1232 13.97 -8.15 37.88
N LEU A 1233 13.60 -9.07 36.98
CA LEU A 1233 14.00 -10.46 37.09
C LEU A 1233 15.51 -10.63 36.99
N HIS A 1234 16.14 -9.94 36.04
CA HIS A 1234 17.58 -10.02 35.88
C HIS A 1234 18.33 -9.23 36.94
N GLY A 1235 17.87 -8.03 37.28
CA GLY A 1235 18.57 -7.20 38.25
C GLY A 1235 18.54 -7.74 39.66
N LEU A 1236 17.42 -8.34 40.08
CA LEU A 1236 17.33 -8.74 41.48
C LEU A 1236 17.60 -10.21 41.73
N VAL A 1237 17.45 -11.08 40.76
CA VAL A 1237 17.64 -12.52 40.95
C VAL A 1237 18.94 -12.99 40.30
N PHE A 1238 19.10 -12.76 39.01
CA PHE A 1238 20.26 -13.25 38.27
C PHE A 1238 21.54 -12.56 38.68
N LEU A 1239 21.54 -11.23 38.64
CA LEU A 1239 22.76 -10.44 38.85
C LEU A 1239 23.44 -10.64 40.22
N PRO A 1240 22.75 -10.68 41.39
CA PRO A 1240 23.47 -11.00 42.63
C PRO A 1240 24.19 -12.34 42.62
N VAL A 1241 23.60 -13.36 41.98
CA VAL A 1241 24.22 -14.67 41.92
C VAL A 1241 25.44 -14.64 41.01
N VAL A 1242 25.32 -13.98 39.86
CA VAL A 1242 26.44 -13.84 38.94
C VAL A 1242 27.57 -13.04 39.56
N LEU A 1243 27.23 -11.97 40.29
CA LEU A 1243 28.26 -11.20 41.01
C LEU A 1243 28.94 -12.05 42.07
N SER A 1244 28.18 -12.90 42.76
CA SER A 1244 28.77 -13.81 43.73
C SER A 1244 29.77 -14.77 43.08
N TYR A 1245 29.44 -15.29 41.91
CA TYR A 1245 30.36 -16.25 41.29
C TYR A 1245 31.51 -15.59 40.54
N LEU A 1246 31.23 -14.59 39.71
CA LEU A 1246 32.17 -14.10 38.71
C LEU A 1246 32.52 -12.63 38.91
N GLY A 1247 32.25 -12.05 40.07
CA GLY A 1247 32.41 -10.63 40.27
C GLY A 1247 33.85 -10.18 40.37
N PRO A 1248 34.06 -8.87 40.41
CA PRO A 1248 35.42 -8.33 40.52
C PRO A 1248 36.04 -8.61 41.88
N ASP A 1249 37.36 -8.52 41.92
CA ASP A 1249 38.08 -8.62 43.19
C ASP A 1249 37.97 -7.29 43.94
N VAL A 1250 38.56 -7.25 45.14
CA VAL A 1250 38.42 -6.10 46.02
C VAL A 1250 39.33 -4.99 45.54
N ASN A 1251 38.78 -3.78 45.42
CA ASN A 1251 39.57 -2.60 45.10
C ASN A 1251 40.34 -2.17 46.36
N GLN A 1252 41.66 -2.39 46.34
CA GLN A 1252 42.47 -2.17 47.54
C GLN A 1252 42.59 -0.70 47.96
N ALA A 1253 42.35 0.26 47.06
CA ALA A 1253 42.43 1.68 47.44
C ALA A 1253 41.41 2.06 48.52
N LEU A 1254 40.19 1.54 48.43
CA LEU A 1254 39.20 1.80 49.48
C LEU A 1254 39.51 1.00 50.75
N VAL A 1255 40.12 -0.17 50.63
CA VAL A 1255 40.56 -0.91 51.82
C VAL A 1255 41.59 -0.10 52.59
N GLN A 1256 42.57 0.46 51.88
CA GLN A 1256 43.56 1.31 52.52
C GLN A 1256 42.94 2.60 53.05
N GLU A 1257 41.96 3.15 52.33
CA GLU A 1257 41.27 4.35 52.78
C GLU A 1257 40.49 4.10 54.06
N GLU A 1258 39.83 2.93 54.14
CA GLU A 1258 39.12 2.55 55.36
C GLU A 1258 40.08 2.31 56.52
N LYS A 1259 41.20 1.62 56.26
CA LYS A 1259 42.17 1.31 57.31
C LYS A 1259 42.87 2.56 57.86
N LEU A 1260 43.37 3.42 56.97
CA LEU A 1260 44.11 4.59 57.41
C LEU A 1260 43.22 5.60 58.13
N ALA A 1261 42.01 5.82 57.62
CA ALA A 1261 41.11 6.79 58.23
C ALA A 1261 40.29 6.23 59.39
N SER A 1262 40.39 4.93 59.67
CA SER A 1262 39.63 4.19 60.70
C SER A 1262 39.46 4.86 62.07
#